data_8FQQ
#
_entry.id   8FQQ
#
_cell.length_a   43.166
_cell.length_b   83.286
_cell.length_c   209.167
_cell.angle_alpha   90.00
_cell.angle_beta   90.00
_cell.angle_gamma   90.00
#
_symmetry.space_group_name_H-M   'P 21 21 21'
#
loop_
_entity.id
_entity.type
_entity.pdbx_description
1 polymer Beta-lactamase
2 non-polymer '1-[(2R)-2-{2-[(5-amino-1,3,4-thiadiazol-2-yl)sulfanyl]acetamido}-2-boronoethyl]-1H-1,2,3-triazole-4-carboxylic acid'
3 non-polymer 'PHOSPHATE ION'
4 non-polymer GLYCINE
5 water water
#
_entity_poly.entity_id   1
_entity_poly.type   'polypeptide(L)'
_entity_poly.pdbx_seq_one_letter_code
;MGNTPKDQEIKKLVDQNFKPLLEKYDVPGMAVGVIQNNKKYEMYYGLQSVQDKKAVNSSTIFELGSVSKLFTATAGGYAK
NKGKISFDDTPGKYWKELKNTPIDQVNLLQLATYTSGNLALQFPDEVKTDQQVLTFFKDWKPKNSIGEYRQYSNPSIGLF
GKVVALSMNKPFDQVLEKTIFPALGLKHSYVNVPKTQMQNYAFGYNQENQPIRVNPGPLDAPEYGVKSTLPDMLSFIHAN
LNPQKYPADIQRAINETHQGRYQVNTMYQALGWEEFSYPATLQTLLDSNSEQIVMKPNKVTAISKEPSVKMYHKTGSTTG
FGTYVVFIPKENIGLVMLTNKRIPNEERIKAAYAVLNAIKK
;
_entity_poly.pdbx_strand_id   A,B
#
loop_
_chem_comp.id
_chem_comp.type
_chem_comp.name
_chem_comp.formula
PO4 non-polymer 'PHOSPHATE ION' 'O4 P -3'
YDB non-polymer '1-[(2R)-2-{2-[(5-amino-1,3,4-thiadiazol-2-yl)sulfanyl]acetamido}-2-boronoethyl]-1H-1,2,3-triazole-4-carboxylic acid' 'C9 H12 B N7 O5 S2'
#
# COMPACT_ATOMS: atom_id res chain seq x y z
N THR A 4 -17.27 -36.32 -9.59
CA THR A 4 -17.90 -37.09 -8.52
C THR A 4 -19.03 -36.29 -7.88
N PRO A 5 -20.04 -36.98 -7.35
CA PRO A 5 -21.10 -36.28 -6.63
C PRO A 5 -20.61 -35.56 -5.39
N LYS A 6 -19.51 -36.04 -4.78
CA LYS A 6 -18.96 -35.34 -3.62
C LYS A 6 -18.46 -33.95 -3.99
N ASP A 7 -17.94 -33.79 -5.21
CA ASP A 7 -17.52 -32.46 -5.67
C ASP A 7 -18.67 -31.47 -5.60
N GLN A 8 -19.86 -31.87 -6.06
CA GLN A 8 -21.00 -30.97 -6.03
C GLN A 8 -21.58 -30.83 -4.62
N GLU A 9 -21.42 -31.84 -3.77
CA GLU A 9 -21.92 -31.75 -2.41
C GLU A 9 -21.11 -30.73 -1.60
N ILE A 10 -19.79 -30.72 -1.79
CA ILE A 10 -18.95 -29.75 -1.07
C ILE A 10 -19.15 -28.35 -1.63
N LYS A 11 -19.28 -28.23 -2.95
CA LYS A 11 -19.49 -26.93 -3.57
C LYS A 11 -20.78 -26.28 -3.08
N LYS A 12 -21.83 -27.08 -2.87
CA LYS A 12 -23.09 -26.52 -2.38
C LYS A 12 -22.97 -26.08 -0.93
N LEU A 13 -22.29 -26.87 -0.11
CA LEU A 13 -22.17 -26.53 1.31
CA LEU A 13 -22.16 -26.53 1.31
C LEU A 13 -21.33 -25.26 1.51
N VAL A 14 -20.30 -25.07 0.69
CA VAL A 14 -19.48 -23.87 0.82
C VAL A 14 -20.21 -22.66 0.27
N ASP A 15 -20.94 -22.82 -0.83
CA ASP A 15 -21.81 -21.75 -1.32
C ASP A 15 -22.86 -21.37 -0.30
N GLN A 16 -23.33 -22.36 0.48
CA GLN A 16 -24.40 -22.09 1.44
C GLN A 16 -23.87 -21.31 2.65
N ASN A 17 -22.67 -21.62 3.11
CA ASN A 17 -22.16 -21.08 4.36
C ASN A 17 -21.11 -19.98 4.19
N PHE A 18 -20.29 -20.05 3.14
CA PHE A 18 -19.21 -19.07 2.96
C PHE A 18 -19.52 -17.98 1.95
N LYS A 19 -20.29 -18.29 0.89
CA LYS A 19 -20.57 -17.28 -0.11
C LYS A 19 -21.37 -16.09 0.41
N PRO A 20 -22.40 -16.24 1.25
CA PRO A 20 -23.08 -15.05 1.79
C PRO A 20 -22.17 -14.11 2.57
N LEU A 21 -21.00 -14.60 3.04
CA LEU A 21 -20.09 -13.72 3.75
C LEU A 21 -19.50 -12.64 2.84
N LEU A 22 -19.39 -12.93 1.55
CA LEU A 22 -18.85 -11.94 0.62
C LEU A 22 -19.77 -10.73 0.48
N GLU A 23 -21.09 -10.98 0.42
CA GLU A 23 -22.03 -9.88 0.29
C GLU A 23 -22.32 -9.21 1.62
N LYS A 24 -22.24 -9.95 2.72
CA LYS A 24 -22.51 -9.38 4.03
C LYS A 24 -21.41 -8.42 4.47
N TYR A 25 -20.16 -8.74 4.15
CA TYR A 25 -19.02 -7.94 4.58
C TYR A 25 -18.29 -7.26 3.42
N ASP A 26 -18.87 -7.30 2.22
CA ASP A 26 -18.29 -6.63 1.05
C ASP A 26 -16.86 -7.10 0.77
N VAL A 27 -16.67 -8.41 0.77
CA VAL A 27 -15.36 -9.01 0.57
C VAL A 27 -15.08 -9.14 -0.92
N PRO A 28 -13.97 -8.59 -1.42
CA PRO A 28 -13.68 -8.70 -2.87
C PRO A 28 -13.45 -10.14 -3.33
N GLY A 29 -12.60 -10.89 -2.64
CA GLY A 29 -12.28 -12.24 -3.06
C GLY A 29 -12.17 -13.19 -1.89
N MET A 30 -12.38 -14.47 -2.18
CA MET A 30 -12.34 -15.50 -1.16
C MET A 30 -11.96 -16.83 -1.80
N ALA A 31 -11.20 -17.64 -1.06
CA ALA A 31 -10.84 -18.99 -1.46
C ALA A 31 -11.09 -19.92 -0.29
N VAL A 32 -11.94 -20.92 -0.49
CA VAL A 32 -12.29 -21.90 0.53
C VAL A 32 -11.95 -23.28 0.01
N GLY A 33 -11.18 -24.02 0.80
CA GLY A 33 -10.77 -25.37 0.42
C GLY A 33 -11.14 -26.39 1.47
N VAL A 34 -11.49 -27.58 1.02
CA VAL A 34 -11.84 -28.69 1.91
C VAL A 34 -11.06 -29.92 1.46
N ILE A 35 -10.40 -30.57 2.41
CA ILE A 35 -9.67 -31.81 2.17
C ILE A 35 -10.30 -32.90 3.01
N GLN A 36 -10.80 -33.94 2.36
CA GLN A 36 -11.40 -35.07 3.06
C GLN A 36 -10.97 -36.36 2.39
N ASN A 37 -10.44 -37.28 3.19
CA ASN A 37 -10.00 -38.59 2.70
C ASN A 37 -8.98 -38.46 1.57
N ASN A 38 -8.05 -37.51 1.73
CA ASN A 38 -6.97 -37.21 0.80
C ASN A 38 -7.44 -36.59 -0.51
N LYS A 39 -8.71 -36.20 -0.61
CA LYS A 39 -9.21 -35.51 -1.79
C LYS A 39 -9.38 -34.03 -1.49
N LYS A 40 -8.93 -33.19 -2.41
CA LYS A 40 -8.98 -31.73 -2.27
CA LYS A 40 -9.01 -31.74 -2.23
C LYS A 40 -10.17 -31.18 -3.05
N TYR A 41 -10.79 -30.14 -2.50
CA TYR A 41 -11.93 -29.46 -3.14
C TYR A 41 -11.72 -27.97 -2.97
N GLU A 42 -11.59 -27.26 -4.09
CA GLU A 42 -11.24 -25.85 -4.10
C GLU A 42 -12.38 -25.02 -4.67
N MET A 43 -12.82 -24.02 -3.91
CA MET A 43 -13.85 -23.08 -4.34
C MET A 43 -13.29 -21.67 -4.26
N TYR A 44 -13.40 -20.93 -5.37
CA TYR A 44 -12.88 -19.57 -5.46
C TYR A 44 -14.01 -18.61 -5.79
N TYR A 45 -14.00 -17.44 -5.14
CA TYR A 45 -15.03 -16.44 -5.31
C TYR A 45 -14.38 -15.07 -5.47
N GLY A 46 -14.98 -14.24 -6.32
CA GLY A 46 -14.63 -12.83 -6.36
C GLY A 46 -13.30 -12.53 -7.03
N LEU A 47 -12.73 -11.39 -6.63
CA LEU A 47 -11.59 -10.80 -7.30
C LEU A 47 -10.37 -10.84 -6.41
N GLN A 48 -9.23 -11.25 -6.97
CA GLN A 48 -7.95 -11.16 -6.27
C GLN A 48 -7.48 -9.72 -6.20
N SER A 49 -7.76 -8.94 -7.24
CA SER A 49 -7.40 -7.53 -7.31
C SER A 49 -8.52 -6.78 -8.00
N VAL A 50 -8.99 -5.70 -7.36
CA VAL A 50 -10.08 -4.90 -7.93
C VAL A 50 -9.58 -4.06 -9.09
N GLN A 51 -8.42 -3.39 -8.91
CA GLN A 51 -7.88 -2.57 -9.99
C GLN A 51 -7.55 -3.40 -11.21
N ASP A 52 -6.93 -4.56 -11.02
CA ASP A 52 -6.50 -5.41 -12.12
C ASP A 52 -7.59 -6.35 -12.61
N LYS A 53 -8.73 -6.42 -11.92
CA LYS A 53 -9.86 -7.25 -12.33
C LYS A 53 -9.46 -8.70 -12.52
N LYS A 54 -8.71 -9.23 -11.56
CA LYS A 54 -8.25 -10.62 -11.60
C LYS A 54 -9.10 -11.46 -10.66
N ALA A 55 -9.67 -12.54 -11.19
CA ALA A 55 -10.46 -13.44 -10.37
C ALA A 55 -9.56 -14.26 -9.45
N VAL A 56 -10.07 -14.55 -8.25
CA VAL A 56 -9.37 -15.46 -7.35
C VAL A 56 -9.31 -16.84 -8.01
N ASN A 57 -8.11 -17.42 -8.02
CA ASN A 57 -7.90 -18.71 -8.67
C ASN A 57 -6.90 -19.51 -7.83
N SER A 58 -6.46 -20.65 -8.38
CA SER A 58 -5.54 -21.53 -7.68
C SER A 58 -4.15 -20.93 -7.52
N SER A 59 -3.82 -19.87 -8.26
CA SER A 59 -2.53 -19.22 -8.13
C SER A 59 -2.55 -18.00 -7.21
N THR A 60 -3.73 -17.57 -6.75
CA THR A 60 -3.84 -16.38 -5.94
C THR A 60 -3.13 -16.56 -4.61
N ILE A 61 -2.27 -15.61 -4.25
CA ILE A 61 -1.49 -15.65 -3.02
C ILE A 61 -2.13 -14.73 -2.00
N PHE A 62 -2.43 -15.27 -0.82
CA PHE A 62 -3.07 -14.54 0.26
C PHE A 62 -2.10 -14.38 1.42
N GLU A 63 -2.27 -13.28 2.15
CA GLU A 63 -1.53 -13.07 3.40
C GLU A 63 -2.18 -13.89 4.50
N LEU A 64 -1.39 -14.75 5.15
CA LEU A 64 -1.94 -15.67 6.15
C LEU A 64 -2.12 -15.02 7.51
N GLY A 65 -1.47 -13.89 7.78
CA GLY A 65 -1.56 -13.28 9.09
C GLY A 65 -0.99 -14.19 10.16
N SER A 66 -1.69 -14.28 11.30
CA SER A 66 -1.23 -15.08 12.43
C SER A 66 -1.17 -16.56 12.13
N VAL A 67 -1.77 -17.03 11.03
CA VAL A 67 -1.59 -18.41 10.61
C VAL A 67 -0.13 -18.71 10.28
N SER A 68 0.66 -17.67 9.99
CA SER A 68 2.09 -17.83 9.79
C SER A 68 2.76 -18.48 11.00
N LYS A 69 2.19 -18.30 12.20
CA LYS A 69 2.74 -18.90 13.40
C LYS A 69 2.74 -20.43 13.34
N LEU A 70 1.86 -21.02 12.53
CA LEU A 70 1.86 -22.47 12.38
C LEU A 70 3.12 -22.95 11.67
N PHE A 71 3.62 -22.17 10.70
CA PHE A 71 4.88 -22.52 10.06
C PHE A 71 6.09 -22.25 10.95
N THR A 72 6.02 -21.21 11.78
CA THR A 72 7.08 -20.98 12.75
C THR A 72 7.17 -22.14 13.74
N ALA A 73 6.03 -22.63 14.20
CA ALA A 73 6.02 -23.77 15.11
C ALA A 73 6.53 -25.03 14.43
N THR A 74 6.15 -25.24 13.17
CA THR A 74 6.64 -26.38 12.41
C THR A 74 8.15 -26.32 12.26
N ALA A 75 8.69 -25.12 12.00
CA ALA A 75 10.14 -24.96 11.93
C ALA A 75 10.80 -25.25 13.27
N GLY A 76 10.14 -24.85 14.37
CA GLY A 76 10.68 -25.16 15.68
C GLY A 76 10.67 -26.64 15.99
N GLY A 77 9.58 -27.33 15.66
CA GLY A 77 9.54 -28.77 15.82
C GLY A 77 10.50 -29.50 14.91
N TYR A 78 10.83 -28.91 13.76
CA TYR A 78 11.81 -29.49 12.87
C TYR A 78 13.21 -29.39 13.45
N ALA A 79 13.59 -28.20 13.92
CA ALA A 79 14.91 -28.02 14.51
C ALA A 79 15.07 -28.80 15.81
N LYS A 80 13.98 -28.96 16.57
CA LYS A 80 14.06 -29.69 17.83
C LYS A 80 14.34 -31.17 17.59
N ASN A 81 13.61 -31.79 16.67
CA ASN A 81 13.79 -33.22 16.42
C ASN A 81 15.07 -33.52 15.64
N LYS A 82 15.71 -32.52 15.04
CA LYS A 82 17.03 -32.69 14.45
C LYS A 82 18.15 -32.43 15.43
N GLY A 83 17.85 -32.17 16.70
CA GLY A 83 18.86 -31.87 17.68
C GLY A 83 19.42 -30.48 17.62
N LYS A 84 18.88 -29.61 16.76
CA LYS A 84 19.37 -28.24 16.66
C LYS A 84 19.00 -27.43 17.90
N ILE A 85 17.83 -27.68 18.48
CA ILE A 85 17.40 -27.02 19.71
C ILE A 85 16.75 -28.04 20.63
N SER A 86 16.70 -27.69 21.90
CA SER A 86 15.83 -28.31 22.88
C SER A 86 14.85 -27.25 23.36
N PHE A 87 13.59 -27.64 23.54
CA PHE A 87 12.60 -26.69 24.04
C PHE A 87 12.90 -26.20 25.45
N ASP A 88 13.84 -26.84 26.14
CA ASP A 88 14.29 -26.39 27.45
C ASP A 88 15.45 -25.42 27.38
N ASP A 89 16.02 -25.20 26.20
CA ASP A 89 17.06 -24.19 26.05
C ASP A 89 16.47 -22.80 26.17
N THR A 90 17.35 -21.82 26.31
CA THR A 90 16.99 -20.42 26.45
C THR A 90 17.55 -19.63 25.27
N PRO A 91 16.96 -18.48 24.93
CA PRO A 91 17.39 -17.77 23.71
C PRO A 91 18.83 -17.32 23.71
N GLY A 92 19.41 -17.06 24.89
CA GLY A 92 20.80 -16.64 24.95
C GLY A 92 21.79 -17.70 24.50
N LYS A 93 21.37 -18.97 24.49
CA LYS A 93 22.24 -20.03 24.00
C LYS A 93 22.50 -19.88 22.51
N TYR A 94 21.57 -19.28 21.77
CA TYR A 94 21.69 -19.10 20.33
C TYR A 94 21.85 -17.65 19.91
N TRP A 95 21.14 -16.73 20.54
CA TRP A 95 21.36 -15.30 20.35
C TRP A 95 22.32 -14.86 21.46
N LYS A 96 23.60 -14.78 21.13
CA LYS A 96 24.64 -14.63 22.15
C LYS A 96 24.50 -13.31 22.91
N GLU A 97 23.98 -12.26 22.27
CA GLU A 97 23.82 -10.98 22.94
C GLU A 97 22.79 -11.01 24.06
N LEU A 98 21.96 -12.04 24.13
CA LEU A 98 20.98 -12.19 25.20
C LEU A 98 21.46 -13.11 26.32
N LYS A 99 22.73 -13.50 26.30
CA LYS A 99 23.26 -14.40 27.32
C LYS A 99 23.25 -13.71 28.69
N ASN A 100 22.73 -14.43 29.70
CA ASN A 100 22.71 -13.97 31.08
C ASN A 100 21.89 -12.70 31.29
N THR A 101 20.88 -12.50 30.46
CA THR A 101 19.90 -11.43 30.61
C THR A 101 18.62 -11.98 31.21
N PRO A 102 17.74 -11.13 31.75
CA PRO A 102 16.48 -11.65 32.31
C PRO A 102 15.65 -12.45 31.32
N ILE A 103 15.66 -12.08 30.03
CA ILE A 103 14.94 -12.87 29.03
C ILE A 103 15.57 -14.25 28.85
N ASP A 104 16.85 -14.41 29.21
CA ASP A 104 17.52 -15.70 29.12
C ASP A 104 17.07 -16.68 30.21
N GLN A 105 16.11 -16.29 31.04
CA GLN A 105 15.52 -17.19 32.02
C GLN A 105 14.26 -17.88 31.50
N VAL A 106 13.75 -17.46 30.35
CA VAL A 106 12.59 -18.06 29.73
C VAL A 106 13.07 -19.07 28.70
N ASN A 107 12.44 -20.24 28.67
CA ASN A 107 12.85 -21.25 27.70
C ASN A 107 12.09 -21.10 26.38
N LEU A 108 12.51 -21.87 25.38
CA LEU A 108 11.96 -21.71 24.03
C LEU A 108 10.50 -22.12 23.98
N LEU A 109 10.11 -23.17 24.72
CA LEU A 109 8.71 -23.58 24.72
C LEU A 109 7.82 -22.51 25.33
N GLN A 110 8.30 -21.84 26.38
CA GLN A 110 7.53 -20.76 26.97
C GLN A 110 7.41 -19.57 26.04
N LEU A 111 8.44 -19.32 25.22
CA LEU A 111 8.33 -18.25 24.23
C LEU A 111 7.34 -18.62 23.13
N ALA A 112 7.38 -19.87 22.67
CA ALA A 112 6.49 -20.30 21.60
C ALA A 112 5.04 -20.41 22.04
N THR A 113 4.79 -20.60 23.34
CA THR A 113 3.44 -20.74 23.87
C THR A 113 3.00 -19.55 24.71
N TYR A 114 3.71 -18.42 24.59
CA TYR A 114 3.27 -17.12 25.12
C TYR A 114 3.16 -17.11 26.65
N THR A 115 4.13 -17.70 27.35
CA THR A 115 4.09 -17.76 28.81
C THR A 115 5.32 -17.11 29.45
N SER A 116 5.90 -16.10 28.80
CA SER A 116 7.06 -15.43 29.38
C SER A 116 6.69 -14.63 30.63
N GLY A 117 5.46 -14.11 30.68
CA GLY A 117 5.00 -13.33 31.81
C GLY A 117 5.06 -11.84 31.61
N ASN A 118 5.69 -11.36 30.54
CA ASN A 118 5.77 -9.93 30.28
C ASN A 118 6.02 -9.64 28.80
N LEU A 119 5.12 -10.10 27.93
CA LEU A 119 5.18 -9.80 26.51
C LEU A 119 3.76 -9.62 26.00
N ALA A 120 3.48 -8.45 25.45
CA ALA A 120 2.13 -8.10 24.99
C ALA A 120 1.92 -8.57 23.55
N LEU A 121 0.75 -8.21 23.01
CA LEU A 121 0.38 -8.68 21.67
C LEU A 121 1.36 -8.18 20.62
N GLN A 122 1.86 -6.95 20.76
CA GLN A 122 2.75 -6.36 19.79
C GLN A 122 3.97 -5.78 20.48
N PHE A 123 5.04 -5.59 19.70
CA PHE A 123 6.17 -4.80 20.15
C PHE A 123 5.71 -3.38 20.43
N PRO A 124 6.44 -2.64 21.26
CA PRO A 124 6.19 -1.20 21.35
C PRO A 124 6.33 -0.54 19.99
N ASP A 125 5.58 0.55 19.80
CA ASP A 125 5.52 1.18 18.48
C ASP A 125 6.88 1.64 18.01
N GLU A 126 7.73 2.11 18.93
CA GLU A 126 9.03 2.65 18.56
C GLU A 126 10.07 1.57 18.25
N VAL A 127 9.75 0.29 18.47
CA VAL A 127 10.68 -0.79 18.17
C VAL A 127 10.55 -1.14 16.70
N LYS A 128 11.55 -0.76 15.89
CA LYS A 128 11.50 -0.93 14.45
C LYS A 128 12.70 -1.70 13.93
N THR A 129 13.90 -1.16 14.15
CA THR A 129 15.10 -1.71 13.56
C THR A 129 15.55 -2.97 14.31
N ASP A 130 16.54 -3.66 13.73
CA ASP A 130 17.07 -4.85 14.36
C ASP A 130 17.81 -4.53 15.66
N GLN A 131 18.55 -3.42 15.68
CA GLN A 131 19.20 -3.00 16.91
C GLN A 131 18.18 -2.64 17.99
N GLN A 132 17.05 -2.07 17.58
CA GLN A 132 16.00 -1.76 18.54
C GLN A 132 15.35 -3.03 19.09
N VAL A 133 15.21 -4.05 18.24
CA VAL A 133 14.68 -5.33 18.70
C VAL A 133 15.62 -5.96 19.71
N LEU A 134 16.93 -5.93 19.43
CA LEU A 134 17.90 -6.48 20.37
C LEU A 134 17.91 -5.70 21.68
N THR A 135 17.85 -4.37 21.60
CA THR A 135 17.80 -3.55 22.81
C THR A 135 16.55 -3.85 23.63
N PHE A 136 15.42 -4.11 22.95
CA PHE A 136 14.18 -4.41 23.66
C PHE A 136 14.30 -5.68 24.49
N PHE A 137 14.90 -6.72 23.92
CA PHE A 137 15.04 -7.99 24.66
C PHE A 137 16.14 -7.93 25.70
N LYS A 138 17.18 -7.13 25.48
CA LYS A 138 18.22 -6.96 26.49
C LYS A 138 17.69 -6.19 27.70
N ASP A 139 16.80 -5.23 27.48
CA ASP A 139 16.21 -4.45 28.56
C ASP A 139 14.99 -5.12 29.18
N TRP A 140 14.58 -6.28 28.67
CA TRP A 140 13.39 -6.94 29.16
C TRP A 140 13.58 -7.42 30.59
N LYS A 141 12.55 -7.26 31.41
CA LYS A 141 12.53 -7.75 32.78
C LYS A 141 11.24 -8.52 33.02
N PRO A 142 11.27 -9.53 33.89
CA PRO A 142 10.07 -10.33 34.11
C PRO A 142 9.03 -9.59 34.95
N LYS A 143 7.77 -9.98 34.76
CA LYS A 143 6.66 -9.46 35.54
C LYS A 143 5.93 -10.61 36.23
N ASN A 144 5.00 -11.23 35.52
CA ASN A 144 4.32 -12.40 36.05
C ASN A 144 5.29 -13.57 36.13
N SER A 145 4.95 -14.54 36.98
CA SER A 145 5.78 -15.72 37.14
C SER A 145 5.92 -16.44 35.81
N ILE A 146 7.17 -16.72 35.43
CA ILE A 146 7.46 -17.27 34.12
C ILE A 146 6.81 -18.64 33.98
N GLY A 147 6.08 -18.84 32.88
CA GLY A 147 5.47 -20.11 32.57
C GLY A 147 4.09 -20.32 33.16
N GLU A 148 3.56 -19.36 33.93
CA GLU A 148 2.28 -19.54 34.59
C GLU A 148 1.12 -18.79 33.96
N TYR A 149 1.38 -17.80 33.11
CA TYR A 149 0.33 -16.99 32.52
C TYR A 149 0.52 -16.90 31.01
N ARG A 150 -0.54 -17.17 30.26
CA ARG A 150 -0.51 -17.09 28.81
C ARG A 150 -1.06 -15.75 28.37
N GLN A 151 -0.27 -15.01 27.59
CA GLN A 151 -0.74 -13.78 26.93
C GLN A 151 -0.29 -13.85 25.48
N TYR A 152 -1.25 -14.00 24.57
CA TYR A 152 -0.95 -14.11 23.15
C TYR A 152 -0.08 -12.95 22.69
N SER A 153 1.04 -13.27 22.06
CA SER A 153 2.09 -12.28 21.85
C SER A 153 2.82 -12.54 20.54
N ASN A 154 2.92 -11.50 19.70
CA ASN A 154 3.80 -11.59 18.53
C ASN A 154 5.28 -11.62 18.91
N PRO A 155 5.80 -10.70 19.73
CA PRO A 155 7.23 -10.76 20.05
C PRO A 155 7.67 -12.05 20.72
N SER A 156 6.79 -12.71 21.47
CA SER A 156 7.16 -13.96 22.13
C SER A 156 7.51 -15.03 21.10
N ILE A 157 6.59 -15.31 20.18
CA ILE A 157 6.85 -16.32 19.16
C ILE A 157 7.81 -15.79 18.09
N GLY A 158 7.89 -14.47 17.93
CA GLY A 158 8.87 -13.91 17.01
C GLY A 158 10.30 -14.16 17.45
N LEU A 159 10.56 -14.04 18.76
CA LEU A 159 11.87 -14.38 19.29
C LEU A 159 12.14 -15.87 19.16
N PHE A 160 11.10 -16.70 19.34
CA PHE A 160 11.23 -18.13 19.16
C PHE A 160 11.67 -18.47 17.74
N GLY A 161 11.02 -17.87 16.74
CA GLY A 161 11.41 -18.11 15.37
C GLY A 161 12.80 -17.57 15.04
N LYS A 162 13.16 -16.43 15.65
CA LYS A 162 14.50 -15.90 15.49
C LYS A 162 15.54 -16.88 16.03
N VAL A 163 15.25 -17.51 17.16
CA VAL A 163 16.18 -18.48 17.75
C VAL A 163 16.28 -19.73 16.89
N VAL A 164 15.15 -20.21 16.37
CA VAL A 164 15.16 -21.39 15.51
C VAL A 164 16.02 -21.15 14.27
N ALA A 165 15.90 -19.95 13.69
CA ALA A 165 16.72 -19.61 12.52
C ALA A 165 18.21 -19.62 12.86
N LEU A 166 18.56 -19.07 14.02
CA LEU A 166 19.96 -19.06 14.43
C LEU A 166 20.50 -20.47 14.63
N SER A 167 19.68 -21.36 15.17
CA SER A 167 20.14 -22.73 15.40
C SER A 167 20.33 -23.50 14.11
N MET A 168 19.61 -23.12 13.05
CA MET A 168 19.77 -23.74 11.74
C MET A 168 20.77 -23.00 10.85
N ASN A 169 21.43 -21.96 11.38
CA ASN A 169 22.50 -21.24 10.70
C ASN A 169 22.02 -20.62 9.39
N LYS A 170 20.75 -20.24 9.31
CA LYS A 170 20.19 -19.60 8.14
C LYS A 170 19.14 -18.57 8.58
N PRO A 171 18.93 -17.53 7.78
CA PRO A 171 17.87 -16.56 8.11
C PRO A 171 16.51 -17.24 8.10
N PHE A 172 15.56 -16.63 8.82
CA PHE A 172 14.26 -17.27 8.99
C PHE A 172 13.52 -17.41 7.66
N ASP A 173 13.68 -16.43 6.76
CA ASP A 173 13.03 -16.54 5.46
C ASP A 173 13.54 -17.75 4.69
N GLN A 174 14.84 -18.06 4.84
CA GLN A 174 15.39 -19.26 4.20
C GLN A 174 15.01 -20.52 4.95
N VAL A 175 14.77 -20.43 6.26
CA VAL A 175 14.31 -21.60 7.01
C VAL A 175 12.99 -22.11 6.45
N LEU A 176 12.08 -21.21 6.11
CA LEU A 176 10.80 -21.63 5.55
C LEU A 176 10.93 -21.95 4.07
N GLU A 177 11.49 -21.03 3.28
CA GLU A 177 11.48 -21.17 1.83
C GLU A 177 12.42 -22.24 1.31
N LYS A 178 13.46 -22.59 2.07
CA LYS A 178 14.45 -23.55 1.57
C LYS A 178 14.32 -24.93 2.21
N THR A 179 13.81 -25.02 3.43
N THR A 179 13.82 -25.03 3.44
CA THR A 179 13.75 -26.28 4.16
CA THR A 179 13.72 -26.34 4.10
C THR A 179 12.33 -26.68 4.53
C THR A 179 12.30 -26.70 4.52
N ILE A 180 11.58 -25.78 5.17
CA ILE A 180 10.24 -26.14 5.66
C ILE A 180 9.25 -26.26 4.51
N PHE A 181 9.14 -25.22 3.68
CA PHE A 181 8.20 -25.28 2.56
C PHE A 181 8.46 -26.45 1.61
N PRO A 182 9.70 -26.72 1.16
CA PRO A 182 9.91 -27.89 0.30
C PRO A 182 9.61 -29.21 0.96
N ALA A 183 9.83 -29.32 2.28
CA ALA A 183 9.54 -30.58 2.97
C ALA A 183 8.05 -30.86 3.05
N LEU A 184 7.23 -29.81 3.09
CA LEU A 184 5.79 -29.96 3.13
C LEU A 184 5.18 -30.10 1.73
N GLY A 185 5.99 -29.99 0.68
CA GLY A 185 5.47 -30.07 -0.68
C GLY A 185 4.77 -28.82 -1.17
N LEU A 186 5.06 -27.67 -0.59
CA LEU A 186 4.40 -26.44 -0.99
C LEU A 186 5.11 -25.82 -2.18
N LYS A 187 4.32 -25.23 -3.09
CA LYS A 187 4.85 -24.70 -4.35
C LYS A 187 4.88 -23.19 -4.42
N HIS A 188 3.93 -22.49 -3.80
CA HIS A 188 3.85 -21.03 -3.91
C HIS A 188 3.55 -20.42 -2.55
N SER A 189 4.35 -20.77 -1.55
CA SER A 189 4.29 -20.16 -0.23
C SER A 189 5.59 -19.39 -0.01
N TYR A 190 5.47 -18.15 0.47
CA TYR A 190 6.59 -17.23 0.50
C TYR A 190 6.60 -16.41 1.78
N VAL A 191 7.82 -16.14 2.27
CA VAL A 191 8.02 -15.05 3.22
C VAL A 191 8.19 -13.73 2.48
N ASN A 192 8.94 -13.76 1.38
CA ASN A 192 9.08 -12.63 0.47
C ASN A 192 8.62 -13.08 -0.91
N VAL A 193 7.59 -12.44 -1.43
CA VAL A 193 7.03 -12.81 -2.73
C VAL A 193 7.97 -12.33 -3.84
N PRO A 194 8.48 -13.23 -4.69
CA PRO A 194 9.37 -12.80 -5.77
C PRO A 194 8.62 -11.99 -6.81
N LYS A 195 9.39 -11.28 -7.64
CA LYS A 195 8.80 -10.39 -8.64
C LYS A 195 7.93 -11.15 -9.63
N THR A 196 8.32 -12.38 -9.98
CA THR A 196 7.55 -13.19 -10.91
C THR A 196 6.22 -13.67 -10.34
N GLN A 197 6.02 -13.53 -9.03
CA GLN A 197 4.77 -13.93 -8.39
C GLN A 197 3.95 -12.76 -7.90
N MET A 198 4.40 -11.51 -8.11
CA MET A 198 3.62 -10.36 -7.71
C MET A 198 2.31 -10.28 -8.47
N GLN A 199 2.27 -10.81 -9.70
CA GLN A 199 1.03 -10.83 -10.48
C GLN A 199 -0.02 -11.73 -9.83
N ASN A 200 0.41 -12.66 -8.98
CA ASN A 200 -0.51 -13.55 -8.27
CA ASN A 200 -0.51 -13.55 -8.27
C ASN A 200 -0.74 -13.12 -6.83
N TYR A 201 -0.05 -12.10 -6.35
CA TYR A 201 -0.18 -11.63 -4.98
C TYR A 201 -1.44 -10.79 -4.89
N ALA A 202 -2.45 -11.31 -4.18
CA ALA A 202 -3.70 -10.58 -4.00
C ALA A 202 -3.46 -9.34 -3.13
N PHE A 203 -4.27 -8.31 -3.38
CA PHE A 203 -4.30 -7.13 -2.53
C PHE A 203 -5.34 -7.32 -1.44
N GLY A 204 -5.01 -6.85 -0.24
CA GLY A 204 -6.01 -6.78 0.80
C GLY A 204 -6.80 -5.50 0.73
N TYR A 205 -7.96 -5.49 1.39
CA TYR A 205 -8.85 -4.34 1.35
C TYR A 205 -9.38 -4.07 2.75
N ASN A 206 -9.20 -2.86 3.23
CA ASN A 206 -9.58 -2.50 4.59
C ASN A 206 -11.10 -2.33 4.69
N GLN A 207 -11.57 -1.76 5.81
CA GLN A 207 -13.00 -1.60 6.01
C GLN A 207 -13.61 -0.62 5.01
N GLU A 208 -12.83 0.35 4.54
CA GLU A 208 -13.29 1.31 3.56
C GLU A 208 -13.02 0.86 2.12
N ASN A 209 -12.71 -0.42 1.92
CA ASN A 209 -12.45 -0.98 0.59
C ASN A 209 -11.28 -0.28 -0.11
N GLN A 210 -10.28 0.12 0.67
CA GLN A 210 -9.08 0.60 0.01
C GLN A 210 -8.02 -0.50 -0.01
N PRO A 211 -7.25 -0.61 -1.10
CA PRO A 211 -6.23 -1.67 -1.16
C PRO A 211 -5.14 -1.46 -0.11
N ILE A 212 -4.70 -2.56 0.49
CA ILE A 212 -3.69 -2.51 1.53
C ILE A 212 -2.89 -3.81 1.51
N ARG A 213 -1.58 -3.69 1.77
CA ARG A 213 -0.67 -4.81 1.77
C ARG A 213 0.16 -4.75 3.05
N VAL A 214 0.47 -5.93 3.60
CA VAL A 214 1.17 -5.98 4.89
C VAL A 214 2.53 -5.30 4.78
N ASN A 215 2.86 -4.54 5.83
CA ASN A 215 4.08 -3.76 5.89
C ASN A 215 5.18 -4.52 6.62
N PRO A 216 6.44 -4.19 6.37
CA PRO A 216 7.53 -4.79 7.15
C PRO A 216 7.45 -4.35 8.61
N GLY A 217 7.75 -5.29 9.51
CA GLY A 217 7.74 -5.01 10.92
C GLY A 217 8.79 -5.80 11.66
N PRO A 218 8.97 -5.51 12.95
CA PRO A 218 9.99 -6.21 13.75
C PRO A 218 9.62 -7.69 13.89
N LEU A 219 10.49 -8.56 13.37
CA LEU A 219 10.28 -10.00 13.38
C LEU A 219 8.93 -10.38 12.76
N ASP A 220 8.56 -9.65 11.71
CA ASP A 220 7.25 -9.85 11.09
C ASP A 220 7.11 -11.24 10.48
N ALA A 221 8.21 -11.79 9.94
CA ALA A 221 8.12 -13.08 9.25
C ALA A 221 7.62 -14.21 10.12
N PRO A 222 8.25 -14.51 11.27
CA PRO A 222 7.73 -15.62 12.11
C PRO A 222 6.41 -15.31 12.80
N GLU A 223 5.99 -14.05 12.84
CA GLU A 223 4.76 -13.67 13.53
C GLU A 223 3.56 -13.67 12.59
N TYR A 224 3.68 -13.03 11.43
CA TYR A 224 2.52 -12.88 10.55
C TYR A 224 2.88 -12.62 9.10
N GLY A 225 4.08 -12.97 8.64
CA GLY A 225 4.51 -12.54 7.32
C GLY A 225 4.63 -13.63 6.28
N VAL A 226 3.83 -14.69 6.38
CA VAL A 226 3.83 -15.76 5.40
C VAL A 226 2.63 -15.60 4.48
N LYS A 227 2.85 -15.76 3.18
CA LYS A 227 1.82 -15.69 2.18
C LYS A 227 1.76 -17.03 1.44
N SER A 228 0.55 -17.46 1.09
CA SER A 228 0.39 -18.78 0.49
C SER A 228 -0.87 -18.81 -0.36
N THR A 229 -1.01 -19.87 -1.15
CA THR A 229 -2.17 -20.11 -1.99
C THR A 229 -3.06 -21.17 -1.35
N LEU A 230 -4.27 -21.30 -1.88
CA LEU A 230 -5.20 -22.32 -1.39
C LEU A 230 -4.69 -23.74 -1.59
N PRO A 231 -4.17 -24.13 -2.76
CA PRO A 231 -3.64 -25.51 -2.89
C PRO A 231 -2.51 -25.82 -1.92
N ASP A 232 -1.64 -24.85 -1.66
CA ASP A 232 -0.56 -25.07 -0.70
C ASP A 232 -1.11 -25.25 0.72
N MET A 233 -2.10 -24.44 1.10
CA MET A 233 -2.67 -24.57 2.43
C MET A 233 -3.44 -25.87 2.59
N LEU A 234 -4.04 -26.38 1.51
CA LEU A 234 -4.67 -27.69 1.56
C LEU A 234 -3.62 -28.79 1.70
N SER A 235 -2.47 -28.64 1.03
CA SER A 235 -1.38 -29.58 1.23
C SER A 235 -0.85 -29.51 2.65
N PHE A 236 -0.82 -28.32 3.24
CA PHE A 236 -0.37 -28.20 4.63
C PHE A 236 -1.33 -28.88 5.58
N ILE A 237 -2.64 -28.73 5.35
CA ILE A 237 -3.61 -29.44 6.18
C ILE A 237 -3.51 -30.94 5.98
N HIS A 238 -3.27 -31.38 4.75
CA HIS A 238 -3.06 -32.80 4.49
C HIS A 238 -1.85 -33.32 5.26
N ALA A 239 -0.78 -32.51 5.34
CA ALA A 239 0.40 -32.92 6.08
C ALA A 239 0.09 -33.03 7.58
N ASN A 240 -0.78 -32.15 8.09
CA ASN A 240 -1.21 -32.25 9.48
C ASN A 240 -2.18 -33.39 9.71
N LEU A 241 -2.97 -33.74 8.68
CA LEU A 241 -3.92 -34.84 8.81
C LEU A 241 -3.24 -36.19 8.66
N ASN A 242 -2.18 -36.28 7.87
CA ASN A 242 -1.47 -37.54 7.63
C ASN A 242 0.04 -37.31 7.76
N PRO A 243 0.53 -37.07 8.98
CA PRO A 243 1.98 -36.88 9.13
C PRO A 243 2.78 -38.14 8.89
N GLN A 244 2.19 -39.32 9.11
CA GLN A 244 2.90 -40.58 8.91
C GLN A 244 3.24 -40.85 7.45
N LYS A 245 2.63 -40.14 6.51
CA LYS A 245 2.90 -40.33 5.09
C LYS A 245 4.03 -39.45 4.58
N TYR A 246 4.73 -38.75 5.47
CA TYR A 246 5.80 -37.83 5.13
C TYR A 246 7.12 -38.31 5.72
N PRO A 247 8.25 -37.90 5.15
CA PRO A 247 9.55 -38.27 5.73
C PRO A 247 9.66 -37.87 7.19
N ALA A 248 10.51 -38.60 7.92
CA ALA A 248 10.53 -38.51 9.38
C ALA A 248 10.88 -37.11 9.86
N ASP A 249 11.77 -36.41 9.15
CA ASP A 249 12.21 -35.09 9.60
C ASP A 249 11.03 -34.12 9.65
N ILE A 250 10.18 -34.13 8.63
CA ILE A 250 9.02 -33.25 8.64
C ILE A 250 7.86 -33.90 9.39
N GLN A 251 7.82 -35.24 9.44
CA GLN A 251 6.78 -35.92 10.20
C GLN A 251 6.90 -35.63 11.69
N ARG A 252 8.12 -35.69 12.24
CA ARG A 252 8.31 -35.36 13.64
C ARG A 252 8.03 -33.88 13.91
N ALA A 253 8.31 -33.02 12.94
CA ALA A 253 8.01 -31.60 13.11
C ALA A 253 6.52 -31.36 13.23
N ILE A 254 5.72 -32.04 12.40
CA ILE A 254 4.27 -31.89 12.45
C ILE A 254 3.72 -32.46 13.75
N ASN A 255 4.22 -33.63 14.17
CA ASN A 255 3.75 -34.22 15.43
C ASN A 255 4.08 -33.33 16.61
N GLU A 256 5.17 -32.57 16.54
CA GLU A 256 5.55 -31.70 17.64
C GLU A 256 4.53 -30.58 17.83
N THR A 257 3.97 -30.07 16.73
CA THR A 257 3.00 -28.99 16.80
C THR A 257 1.61 -29.46 17.23
N HIS A 258 1.39 -30.76 17.35
CA HIS A 258 0.10 -31.30 17.77
C HIS A 258 0.02 -31.61 19.25
N GLN A 259 1.14 -31.61 19.96
CA GLN A 259 1.14 -31.94 21.38
C GLN A 259 0.73 -30.72 22.19
N GLY A 260 -0.34 -30.86 22.96
CA GLY A 260 -0.75 -29.79 23.85
C GLY A 260 0.24 -29.63 24.99
N ARG A 261 0.58 -28.36 25.28
CA ARG A 261 1.55 -28.03 26.33
C ARG A 261 0.89 -27.62 27.63
N TYR A 262 -0.24 -26.92 27.56
CA TYR A 262 -1.05 -26.59 28.73
C TYR A 262 -2.48 -26.35 28.26
N GLN A 263 -3.34 -25.97 29.20
CA GLN A 263 -4.72 -25.70 28.86
C GLN A 263 -5.20 -24.44 29.58
N VAL A 264 -6.03 -23.66 28.89
CA VAL A 264 -6.70 -22.50 29.46
C VAL A 264 -8.18 -22.69 29.18
N ASN A 265 -8.95 -23.03 30.22
CA ASN A 265 -10.37 -23.34 30.11
C ASN A 265 -10.53 -24.55 29.20
N THR A 266 -11.30 -24.47 28.12
CA THR A 266 -11.51 -25.60 27.23
C THR A 266 -10.51 -25.65 26.07
N MET A 267 -9.54 -24.74 26.04
CA MET A 267 -8.58 -24.68 24.95
C MET A 267 -7.24 -25.26 25.41
N TYR A 268 -6.64 -26.08 24.56
CA TYR A 268 -5.31 -26.62 24.78
C TYR A 268 -4.35 -25.91 23.84
N GLN A 269 -3.27 -25.36 24.39
CA GLN A 269 -2.29 -24.61 23.60
C GLN A 269 -1.20 -25.57 23.13
N ALA A 270 -1.28 -25.95 21.86
CA ALA A 270 -0.20 -26.71 21.24
C ALA A 270 0.85 -25.75 20.70
N LEU A 271 1.81 -26.26 19.95
CA LEU A 271 2.83 -25.41 19.34
C LEU A 271 2.21 -24.74 18.12
N GLY A 272 1.82 -23.48 18.28
CA GLY A 272 1.16 -22.77 17.21
C GLY A 272 -0.32 -23.05 17.13
N TRP A 273 -0.68 -24.31 16.93
CA TRP A 273 -2.08 -24.69 16.84
C TRP A 273 -2.79 -24.51 18.18
N GLU A 274 -4.09 -24.29 18.11
CA GLU A 274 -4.97 -24.33 19.28
C GLU A 274 -5.72 -25.65 19.24
N GLU A 275 -5.64 -26.41 20.33
CA GLU A 275 -6.14 -27.77 20.38
C GLU A 275 -7.40 -27.85 21.25
N PHE A 276 -8.34 -28.69 20.83
CA PHE A 276 -9.59 -28.89 21.56
C PHE A 276 -9.96 -30.36 21.53
N SER A 277 -10.75 -30.77 22.51
CA SER A 277 -11.25 -32.13 22.57
C SER A 277 -12.40 -32.29 21.57
N TYR A 278 -12.34 -33.34 20.76
CA TYR A 278 -13.36 -33.54 19.75
C TYR A 278 -14.35 -34.62 20.19
N PRO A 279 -15.66 -34.42 19.98
CA PRO A 279 -16.27 -33.25 19.33
C PRO A 279 -16.30 -32.02 20.22
N ALA A 280 -15.98 -30.87 19.64
CA ALA A 280 -15.98 -29.60 20.36
C ALA A 280 -17.22 -28.81 19.97
N THR A 281 -17.87 -28.22 20.97
CA THR A 281 -19.04 -27.38 20.72
C THR A 281 -18.61 -26.13 19.96
N LEU A 282 -19.59 -25.50 19.31
CA LEU A 282 -19.31 -24.24 18.60
C LEU A 282 -18.86 -23.17 19.58
N GLN A 283 -19.44 -23.14 20.78
CA GLN A 283 -19.06 -22.12 21.75
C GLN A 283 -17.62 -22.32 22.22
N THR A 284 -17.17 -23.57 22.33
CA THR A 284 -15.79 -23.83 22.71
C THR A 284 -14.82 -23.25 21.69
N LEU A 285 -15.10 -23.45 20.40
CA LEU A 285 -14.26 -22.86 19.36
C LEU A 285 -14.38 -21.35 19.35
N LEU A 286 -15.57 -20.82 19.62
CA LEU A 286 -15.74 -19.37 19.68
C LEU A 286 -15.06 -18.77 20.90
N ASP A 287 -14.99 -19.51 22.00
CA ASP A 287 -14.37 -18.98 23.21
C ASP A 287 -12.86 -18.77 23.03
N SER A 288 -12.23 -19.52 22.14
CA SER A 288 -10.81 -19.31 21.87
C SER A 288 -10.54 -17.97 21.20
N ASN A 289 -11.58 -17.32 20.66
CA ASN A 289 -11.47 -16.02 20.02
C ASN A 289 -11.83 -14.86 20.95
N SER A 290 -12.40 -15.15 22.12
CA SER A 290 -12.88 -14.12 23.02
C SER A 290 -11.77 -13.14 23.39
N GLU A 291 -12.18 -11.93 23.77
CA GLU A 291 -11.22 -10.90 24.16
C GLU A 291 -10.39 -11.33 25.36
N GLN A 292 -10.99 -12.12 26.26
CA GLN A 292 -10.27 -12.56 27.45
C GLN A 292 -9.09 -13.47 27.09
N ILE A 293 -9.29 -14.34 26.12
CA ILE A 293 -8.22 -15.27 25.72
C ILE A 293 -7.19 -14.58 24.84
N VAL A 294 -7.64 -13.72 23.94
CA VAL A 294 -6.74 -13.17 22.92
C VAL A 294 -5.94 -11.99 23.45
N MET A 295 -6.56 -11.12 24.26
CA MET A 295 -5.95 -9.85 24.62
C MET A 295 -5.42 -9.77 26.05
N LYS A 296 -5.77 -10.71 26.91
CA LYS A 296 -5.46 -10.58 28.33
C LYS A 296 -4.74 -11.81 28.84
N PRO A 297 -3.94 -11.66 29.90
CA PRO A 297 -3.25 -12.82 30.47
C PRO A 297 -4.23 -13.74 31.17
N ASN A 298 -3.94 -15.05 31.10
CA ASN A 298 -4.76 -16.06 31.74
C ASN A 298 -3.86 -17.11 32.35
N LYS A 299 -4.19 -17.52 33.58
CA LYS A 299 -3.41 -18.55 34.27
C LYS A 299 -3.55 -19.88 33.54
N VAL A 300 -2.43 -20.55 33.32
CA VAL A 300 -2.42 -21.82 32.62
C VAL A 300 -2.58 -22.96 33.62
N THR A 301 -3.04 -24.10 33.12
CA THR A 301 -3.24 -25.29 33.93
C THR A 301 -2.55 -26.47 33.27
N ALA A 302 -1.85 -27.26 34.08
CA ALA A 302 -1.16 -28.44 33.56
C ALA A 302 -2.16 -29.43 32.98
N ILE A 303 -1.70 -30.19 31.99
CA ILE A 303 -2.55 -31.16 31.31
C ILE A 303 -3.03 -32.26 32.26
N PRO A 307 -5.95 -35.74 26.33
CA PRO A 307 -7.14 -35.89 25.48
C PRO A 307 -6.90 -36.89 24.35
N SER A 308 -7.84 -37.82 24.17
CA SER A 308 -7.67 -38.86 23.15
C SER A 308 -8.11 -38.36 21.77
N VAL A 309 -9.35 -37.90 21.66
CA VAL A 309 -9.89 -37.38 20.40
C VAL A 309 -9.72 -35.86 20.41
N LYS A 310 -9.08 -35.33 19.37
CA LYS A 310 -8.69 -33.94 19.34
C LYS A 310 -9.10 -33.29 18.02
N MET A 311 -9.12 -31.96 18.02
CA MET A 311 -9.21 -31.16 16.82
C MET A 311 -8.38 -29.89 17.01
N TYR A 312 -8.03 -29.26 15.90
CA TYR A 312 -7.14 -28.11 15.93
C TYR A 312 -7.66 -27.02 14.99
N HIS A 313 -7.35 -25.77 15.32
CA HIS A 313 -7.65 -24.66 14.42
C HIS A 313 -6.72 -23.50 14.74
N LYS A 314 -6.77 -22.48 13.88
CA LYS A 314 -6.00 -21.26 14.09
C LYS A 314 -6.58 -20.17 13.20
N THR A 315 -6.84 -19.01 13.79
CA THR A 315 -7.25 -17.83 13.04
C THR A 315 -6.04 -16.97 12.74
N GLY A 316 -6.11 -16.24 11.63
CA GLY A 316 -5.05 -15.34 11.25
C GLY A 316 -5.57 -14.14 10.49
N SER A 317 -5.00 -12.97 10.74
CA SER A 317 -5.51 -11.75 10.13
C SER A 317 -4.39 -10.75 9.94
N THR A 318 -4.48 -9.99 8.86
CA THR A 318 -3.79 -8.72 8.67
C THR A 318 -4.85 -7.64 8.53
N THR A 319 -4.40 -6.41 8.27
CA THR A 319 -5.36 -5.31 8.11
C THR A 319 -6.28 -5.55 6.92
N GLY A 320 -5.82 -6.28 5.91
CA GLY A 320 -6.62 -6.51 4.73
C GLY A 320 -6.89 -7.95 4.38
N PHE A 321 -6.57 -8.89 5.27
CA PHE A 321 -6.75 -10.31 4.98
C PHE A 321 -7.29 -11.03 6.20
N GLY A 322 -8.07 -12.07 5.93
CA GLY A 322 -8.53 -12.97 6.97
C GLY A 322 -8.24 -14.41 6.59
N THR A 323 -7.86 -15.20 7.58
CA THR A 323 -7.48 -16.59 7.35
C THR A 323 -8.01 -17.46 8.48
N TYR A 324 -8.41 -18.68 8.14
CA TYR A 324 -8.84 -19.66 9.13
C TYR A 324 -8.53 -21.05 8.62
N VAL A 325 -7.87 -21.85 9.45
CA VAL A 325 -7.56 -23.24 9.13
C VAL A 325 -8.03 -24.11 10.29
N VAL A 326 -8.47 -25.33 9.96
CA VAL A 326 -9.02 -26.25 10.94
C VAL A 326 -8.98 -27.65 10.35
N PHE A 327 -8.65 -28.63 11.18
CA PHE A 327 -8.64 -30.02 10.73
C PHE A 327 -9.01 -30.94 11.89
N ILE A 328 -9.64 -32.06 11.53
CA ILE A 328 -10.08 -33.06 12.51
C ILE A 328 -9.43 -34.39 12.13
N PRO A 329 -8.44 -34.87 12.89
CA PRO A 329 -7.74 -36.10 12.49
C PRO A 329 -8.62 -37.34 12.45
N LYS A 330 -9.55 -37.46 13.40
CA LYS A 330 -10.39 -38.66 13.44
C LYS A 330 -11.27 -38.76 12.19
N GLU A 331 -11.79 -37.63 11.71
CA GLU A 331 -12.62 -37.63 10.51
C GLU A 331 -11.81 -37.49 9.23
N ASN A 332 -10.51 -37.26 9.32
CA ASN A 332 -9.65 -37.09 8.14
C ASN A 332 -10.15 -35.97 7.24
N ILE A 333 -10.50 -34.83 7.84
CA ILE A 333 -11.10 -33.72 7.14
C ILE A 333 -10.51 -32.41 7.64
N GLY A 334 -10.48 -31.41 6.76
CA GLY A 334 -9.97 -30.10 7.12
C GLY A 334 -10.52 -29.04 6.18
N LEU A 335 -10.39 -27.79 6.62
CA LEU A 335 -10.92 -26.66 5.86
C LEU A 335 -9.95 -25.48 5.96
N VAL A 336 -9.85 -24.73 4.86
CA VAL A 336 -9.03 -23.53 4.79
C VAL A 336 -9.88 -22.41 4.21
N MET A 337 -9.88 -21.25 4.87
CA MET A 337 -10.57 -20.06 4.39
C MET A 337 -9.56 -18.94 4.22
N LEU A 338 -9.57 -18.32 3.05
CA LEU A 338 -8.69 -17.20 2.74
C LEU A 338 -9.54 -16.09 2.13
N THR A 339 -9.51 -14.92 2.75
CA THR A 339 -10.24 -13.75 2.25
C THR A 339 -9.31 -12.56 2.16
N ASN A 340 -9.46 -11.77 1.09
CA ASN A 340 -8.72 -10.52 0.96
C ASN A 340 -9.46 -9.34 1.57
N LYS A 341 -10.29 -9.58 2.58
CA LYS A 341 -10.82 -8.55 3.45
C LYS A 341 -11.08 -9.19 4.81
N ARG A 342 -10.70 -8.49 5.87
CA ARG A 342 -10.81 -9.05 7.21
C ARG A 342 -12.27 -9.14 7.62
N ILE A 343 -12.70 -10.33 8.02
CA ILE A 343 -14.06 -10.54 8.52
C ILE A 343 -13.95 -11.01 9.96
N PRO A 344 -15.01 -10.84 10.75
CA PRO A 344 -14.96 -11.28 12.15
C PRO A 344 -14.60 -12.76 12.27
N ASN A 345 -13.77 -13.07 13.27
CA ASN A 345 -13.31 -14.44 13.46
C ASN A 345 -14.47 -15.39 13.77
N GLU A 346 -15.51 -14.90 14.44
CA GLU A 346 -16.65 -15.75 14.74
C GLU A 346 -17.35 -16.23 13.47
N GLU A 347 -17.40 -15.37 12.45
CA GLU A 347 -18.01 -15.77 11.18
C GLU A 347 -17.18 -16.84 10.49
N ARG A 348 -15.85 -16.76 10.59
CA ARG A 348 -15.00 -17.79 10.01
C ARG A 348 -15.21 -19.13 10.72
N ILE A 349 -15.31 -19.09 12.05
CA ILE A 349 -15.46 -20.32 12.82
C ILE A 349 -16.85 -20.93 12.59
N LYS A 350 -17.89 -20.10 12.58
CA LYS A 350 -19.25 -20.62 12.40
C LYS A 350 -19.41 -21.26 11.03
N ALA A 351 -18.91 -20.60 9.98
CA ALA A 351 -19.09 -21.12 8.62
C ALA A 351 -18.34 -22.44 8.44
N ALA A 352 -17.12 -22.53 8.96
CA ALA A 352 -16.37 -23.78 8.87
C ALA A 352 -16.98 -24.86 9.75
N TYR A 353 -17.61 -24.47 10.86
CA TYR A 353 -18.25 -25.45 11.74
C TYR A 353 -19.47 -26.07 11.09
N ALA A 354 -20.25 -25.27 10.35
CA ALA A 354 -21.43 -25.80 9.68
C ALA A 354 -21.06 -26.65 8.48
N VAL A 355 -19.96 -26.32 7.79
CA VAL A 355 -19.54 -27.09 6.63
C VAL A 355 -19.01 -28.46 7.05
N LEU A 356 -18.08 -28.48 8.01
CA LEU A 356 -17.44 -29.73 8.42
C LEU A 356 -18.44 -30.69 9.06
N ASN A 357 -19.49 -30.16 9.69
CA ASN A 357 -20.48 -31.03 10.33
C ASN A 357 -21.53 -31.55 9.36
N ALA A 358 -21.76 -30.87 8.24
CA ALA A 358 -22.75 -31.30 7.27
C ALA A 358 -22.17 -32.20 6.18
N ILE A 359 -20.84 -32.27 6.05
CA ILE A 359 -20.23 -33.15 5.07
C ILE A 359 -20.41 -34.60 5.50
N LYS A 360 -20.80 -35.45 4.57
CA LYS A 360 -20.95 -36.87 4.86
C LYS A 360 -19.60 -37.47 5.23
N LYS A 361 -19.62 -38.42 6.16
CA LYS A 361 -18.40 -39.06 6.65
C LYS A 361 -17.68 -39.81 5.56
N ASN B 3 10.64 17.73 24.27
CA ASN B 3 11.66 18.76 24.47
C ASN B 3 12.43 19.04 23.18
N THR B 4 11.97 18.45 22.08
CA THR B 4 12.53 18.72 20.77
C THR B 4 11.56 19.59 19.99
N PRO B 5 11.97 20.78 19.53
CA PRO B 5 11.03 21.67 18.84
C PRO B 5 10.49 21.04 17.58
N LYS B 6 9.34 21.58 17.13
CA LYS B 6 8.65 21.01 15.98
C LYS B 6 9.51 21.06 14.72
N ASP B 7 10.26 22.16 14.53
CA ASP B 7 11.08 22.27 13.33
C ASP B 7 12.16 21.19 13.29
N GLN B 8 12.74 20.86 14.45
CA GLN B 8 13.73 19.79 14.47
C GLN B 8 13.08 18.42 14.27
N GLU B 9 11.88 18.23 14.79
CA GLU B 9 11.18 16.96 14.59
C GLU B 9 10.88 16.72 13.11
N ILE B 10 10.41 17.76 12.42
CA ILE B 10 10.13 17.62 10.99
C ILE B 10 11.42 17.42 10.20
N LYS B 11 12.47 18.15 10.56
CA LYS B 11 13.76 17.97 9.90
C LYS B 11 14.28 16.55 10.07
N LYS B 12 14.10 15.97 11.26
CA LYS B 12 14.53 14.59 11.47
C LYS B 12 13.74 13.61 10.63
N LEU B 13 12.42 13.81 10.52
CA LEU B 13 11.60 12.91 9.72
C LEU B 13 11.97 12.98 8.25
N VAL B 14 12.28 14.19 7.75
CA VAL B 14 12.69 14.32 6.36
C VAL B 14 14.06 13.69 6.14
N ASP B 15 14.96 13.83 7.11
CA ASP B 15 16.26 13.17 7.02
C ASP B 15 16.11 11.66 7.01
N GLN B 16 15.13 11.13 7.76
CA GLN B 16 14.97 9.68 7.83
C GLN B 16 14.38 9.11 6.55
N ASN B 17 13.50 9.86 5.87
CA ASN B 17 12.73 9.33 4.76
C ASN B 17 13.12 9.87 3.40
N PHE B 18 13.51 11.15 3.31
CA PHE B 18 13.87 11.75 2.03
C PHE B 18 15.37 11.78 1.78
N LYS B 19 16.17 11.98 2.81
CA LYS B 19 17.62 12.06 2.62
C LYS B 19 18.25 10.80 2.05
N PRO B 20 17.90 9.58 2.48
CA PRO B 20 18.53 8.39 1.87
C PRO B 20 18.28 8.25 0.38
N LEU B 21 17.27 8.91 -0.17
CA LEU B 21 17.01 8.83 -1.60
C LEU B 21 18.11 9.48 -2.43
N LEU B 22 18.86 10.42 -1.84
CA LEU B 22 19.96 11.06 -2.57
C LEU B 22 21.05 10.05 -2.91
N GLU B 23 21.46 9.24 -1.91
CA GLU B 23 22.47 8.22 -2.17
C GLU B 23 21.90 7.07 -3.00
N LYS B 24 20.65 6.69 -2.74
CA LYS B 24 20.07 5.53 -3.40
C LYS B 24 19.88 5.76 -4.89
N TYR B 25 19.57 6.98 -5.30
CA TYR B 25 19.31 7.29 -6.70
C TYR B 25 20.28 8.31 -7.29
N ASP B 26 21.36 8.61 -6.59
CA ASP B 26 22.41 9.52 -7.09
C ASP B 26 21.84 10.88 -7.47
N VAL B 27 21.03 11.45 -6.58
CA VAL B 27 20.34 12.71 -6.83
C VAL B 27 21.24 13.84 -6.34
N PRO B 28 21.62 14.79 -7.19
CA PRO B 28 22.52 15.86 -6.76
C PRO B 28 21.91 16.79 -5.72
N GLY B 29 20.66 17.23 -5.92
CA GLY B 29 20.04 18.19 -5.04
C GLY B 29 18.58 17.89 -4.81
N MET B 30 18.08 18.34 -3.65
CA MET B 30 16.70 18.08 -3.28
C MET B 30 16.22 19.17 -2.32
N ALA B 31 14.98 19.59 -2.50
CA ALA B 31 14.32 20.52 -1.60
C ALA B 31 13.00 19.91 -1.13
N VAL B 32 12.82 19.84 0.18
CA VAL B 32 11.61 19.30 0.78
C VAL B 32 11.00 20.36 1.68
N GLY B 33 9.72 20.61 1.52
CA GLY B 33 9.02 21.59 2.33
C GLY B 33 7.76 21.02 2.94
N VAL B 34 7.48 21.44 4.17
CA VAL B 34 6.28 21.03 4.90
C VAL B 34 5.63 22.27 5.45
N ILE B 35 4.32 22.39 5.26
CA ILE B 35 3.52 23.44 5.88
C ILE B 35 2.48 22.79 6.77
N GLN B 36 2.44 23.20 8.03
CA GLN B 36 1.48 22.66 8.99
C GLN B 36 1.01 23.80 9.89
N ASN B 37 -0.31 23.96 9.98
CA ASN B 37 -0.91 25.00 10.80
C ASN B 37 -0.36 26.38 10.45
N ASN B 38 -0.23 26.64 9.15
CA ASN B 38 0.24 27.90 8.59
C ASN B 38 1.73 28.16 8.86
N LYS B 39 2.45 27.18 9.39
CA LYS B 39 3.89 27.30 9.63
C LYS B 39 4.64 26.52 8.58
N LYS B 40 5.68 27.14 8.00
CA LYS B 40 6.42 26.56 6.90
C LYS B 40 7.78 26.08 7.36
N TYR B 41 8.19 24.92 6.84
CA TYR B 41 9.48 24.31 7.18
C TYR B 41 10.16 23.93 5.87
N GLU B 42 11.35 24.46 5.65
CA GLU B 42 12.08 24.29 4.40
C GLU B 42 13.38 23.56 4.67
N MET B 43 13.64 22.49 3.91
CA MET B 43 14.83 21.68 4.06
C MET B 43 15.46 21.46 2.69
N TYR B 44 16.72 21.86 2.55
CA TYR B 44 17.43 21.81 1.28
C TYR B 44 18.65 20.90 1.41
N TYR B 45 18.91 20.12 0.37
CA TYR B 45 20.02 19.16 0.36
C TYR B 45 20.76 19.26 -0.97
N GLY B 46 22.07 18.99 -0.92
CA GLY B 46 22.83 18.80 -2.12
C GLY B 46 23.07 20.08 -2.92
N LEU B 47 23.32 19.89 -4.22
CA LEU B 47 23.74 20.95 -5.11
C LEU B 47 22.73 21.12 -6.23
N GLN B 48 22.42 22.37 -6.56
CA GLN B 48 21.62 22.66 -7.75
C GLN B 48 22.45 22.57 -9.02
N SER B 49 23.76 22.74 -8.92
CA SER B 49 24.69 22.55 -10.04
C SER B 49 25.91 21.84 -9.49
N VAL B 50 26.19 20.64 -10.01
CA VAL B 50 27.33 19.86 -9.53
C VAL B 50 28.63 20.54 -9.94
N GLN B 51 28.75 20.93 -11.20
CA GLN B 51 29.99 21.52 -11.69
C GLN B 51 30.27 22.88 -11.04
N ASP B 52 29.23 23.63 -10.70
CA ASP B 52 29.39 24.93 -10.06
C ASP B 52 29.48 24.85 -8.55
N LYS B 53 29.23 23.67 -7.97
CA LYS B 53 29.22 23.48 -6.52
C LYS B 53 28.28 24.46 -5.82
N LYS B 54 27.16 24.78 -6.47
CA LYS B 54 26.18 25.70 -5.92
C LYS B 54 25.12 24.92 -5.14
N ALA B 55 24.99 25.21 -3.85
CA ALA B 55 24.10 24.47 -3.00
C ALA B 55 22.64 24.83 -3.28
N VAL B 56 21.76 23.82 -3.15
CA VAL B 56 20.33 24.08 -3.20
C VAL B 56 19.94 24.98 -2.05
N ASN B 57 19.10 25.98 -2.35
CA ASN B 57 18.68 26.95 -1.34
C ASN B 57 17.28 27.43 -1.70
N SER B 58 16.79 28.41 -0.94
CA SER B 58 15.43 28.91 -1.14
C SER B 58 15.24 29.60 -2.48
N SER B 59 16.31 30.00 -3.15
CA SER B 59 16.21 30.63 -4.45
C SER B 59 16.31 29.65 -5.61
N THR B 60 16.62 28.39 -5.34
CA THR B 60 16.82 27.42 -6.42
C THR B 60 15.52 27.17 -7.17
N ILE B 61 15.60 27.22 -8.49
CA ILE B 61 14.44 27.03 -9.36
C ILE B 61 14.49 25.62 -9.93
N PHE B 62 13.41 24.86 -9.72
CA PHE B 62 13.28 23.50 -10.21
C PHE B 62 12.21 23.45 -11.29
N GLU B 63 12.31 22.45 -12.15
CA GLU B 63 11.27 22.16 -13.14
C GLU B 63 10.20 21.29 -12.51
N LEU B 64 8.95 21.73 -12.59
CA LEU B 64 7.85 21.04 -11.91
C LEU B 64 7.30 19.87 -12.70
N GLY B 65 7.58 19.79 -14.00
CA GLY B 65 7.04 18.70 -14.79
C GLY B 65 5.52 18.75 -14.81
N SER B 66 4.90 17.58 -14.65
CA SER B 66 3.45 17.46 -14.72
C SER B 66 2.71 18.20 -13.61
N VAL B 67 3.42 18.65 -12.57
CA VAL B 67 2.81 19.50 -11.57
C VAL B 67 2.36 20.84 -12.18
N SER B 68 2.93 21.21 -13.32
CA SER B 68 2.48 22.39 -14.04
C SER B 68 1.00 22.31 -14.40
N LYS B 69 0.48 21.09 -14.59
CA LYS B 69 -0.93 20.92 -14.91
C LYS B 69 -1.83 21.47 -13.82
N LEU B 70 -1.34 21.52 -12.57
CA LEU B 70 -2.12 22.12 -11.49
C LEU B 70 -2.35 23.60 -11.72
N PHE B 71 -1.36 24.29 -12.32
CA PHE B 71 -1.56 25.69 -12.65
C PHE B 71 -2.44 25.86 -13.88
N THR B 72 -2.37 24.92 -14.83
CA THR B 72 -3.30 24.94 -15.96
C THR B 72 -4.74 24.77 -15.48
N ALA B 73 -4.95 23.86 -14.53
CA ALA B 73 -6.28 23.65 -13.98
C ALA B 73 -6.78 24.88 -13.24
N THR B 74 -5.90 25.53 -12.48
CA THR B 74 -6.28 26.75 -11.78
C THR B 74 -6.66 27.86 -12.75
N ALA B 75 -5.93 27.98 -13.85
CA ALA B 75 -6.27 28.96 -14.87
C ALA B 75 -7.61 28.64 -15.51
N GLY B 76 -7.91 27.35 -15.70
CA GLY B 76 -9.20 26.97 -16.26
C GLY B 76 -10.34 27.28 -15.32
N GLY B 77 -10.18 26.95 -14.03
CA GLY B 77 -11.19 27.30 -13.05
C GLY B 77 -11.35 28.81 -12.89
N TYR B 78 -10.28 29.56 -13.14
CA TYR B 78 -10.37 31.02 -13.09
C TYR B 78 -11.17 31.56 -14.26
N ALA B 79 -10.88 31.07 -15.48
CA ALA B 79 -11.63 31.51 -16.65
C ALA B 79 -13.08 31.05 -16.59
N LYS B 80 -13.34 29.90 -15.96
CA LYS B 80 -14.71 29.40 -15.87
C LYS B 80 -15.56 30.26 -14.94
N ASN B 81 -15.02 30.65 -13.79
CA ASN B 81 -15.77 31.46 -12.83
C ASN B 81 -15.84 32.93 -13.24
N LYS B 82 -14.96 33.39 -14.11
CA LYS B 82 -15.08 34.73 -14.67
C LYS B 82 -16.04 34.80 -15.85
N GLY B 83 -16.69 33.69 -16.19
CA GLY B 83 -17.61 33.66 -17.31
C GLY B 83 -16.94 33.55 -18.67
N LYS B 84 -15.63 33.36 -18.72
CA LYS B 84 -14.92 33.26 -19.99
C LYS B 84 -15.17 31.94 -20.70
N ILE B 85 -15.33 30.85 -19.95
CA ILE B 85 -15.60 29.54 -20.53
C ILE B 85 -16.67 28.82 -19.72
N SER B 86 -17.30 27.85 -20.37
CA SER B 86 -18.11 26.85 -19.71
C SER B 86 -17.48 25.49 -19.99
N PHE B 87 -17.41 24.63 -18.97
CA PHE B 87 -16.80 23.33 -19.14
C PHE B 87 -17.54 22.44 -20.13
N ASP B 88 -18.78 22.81 -20.50
CA ASP B 88 -19.52 22.10 -21.53
C ASP B 88 -19.18 22.58 -22.94
N ASP B 89 -18.42 23.66 -23.07
CA ASP B 89 -18.05 24.16 -24.38
C ASP B 89 -17.04 23.23 -25.04
N THR B 90 -16.92 23.37 -26.36
CA THR B 90 -15.99 22.60 -27.17
C THR B 90 -14.87 23.50 -27.68
N PRO B 91 -13.70 22.94 -28.02
CA PRO B 91 -12.56 23.81 -28.36
C PRO B 91 -12.77 24.67 -29.60
N GLY B 92 -13.63 24.25 -30.52
CA GLY B 92 -13.89 25.05 -31.71
C GLY B 92 -14.62 26.34 -31.43
N LYS B 93 -15.21 26.48 -30.25
CA LYS B 93 -15.84 27.74 -29.89
C LYS B 93 -14.82 28.85 -29.68
N TYR B 94 -13.60 28.49 -29.29
CA TYR B 94 -12.54 29.46 -29.03
C TYR B 94 -11.39 29.36 -30.01
N TRP B 95 -10.99 28.15 -30.40
CA TRP B 95 -10.03 27.96 -31.48
C TRP B 95 -10.84 27.74 -32.75
N LYS B 96 -11.05 28.83 -33.51
CA LYS B 96 -12.02 28.81 -34.60
C LYS B 96 -11.66 27.79 -35.68
N GLU B 97 -10.37 27.50 -35.87
CA GLU B 97 -9.98 26.56 -36.90
C GLU B 97 -10.42 25.13 -36.62
N LEU B 98 -10.83 24.83 -35.38
CA LEU B 98 -11.29 23.51 -35.02
C LEU B 98 -12.81 23.37 -35.06
N LYS B 99 -13.51 24.39 -35.54
CA LYS B 99 -14.97 24.34 -35.62
C LYS B 99 -15.41 23.23 -36.57
N ASN B 100 -16.38 22.43 -36.12
CA ASN B 100 -16.98 21.36 -36.91
C ASN B 100 -16.00 20.25 -37.27
N THR B 101 -14.94 20.09 -36.48
CA THR B 101 -14.01 18.98 -36.62
C THR B 101 -14.35 17.89 -35.61
N PRO B 102 -13.86 16.67 -35.80
CA PRO B 102 -14.16 15.61 -34.82
C PRO B 102 -13.74 15.95 -33.40
N ILE B 103 -12.62 16.67 -33.22
CA ILE B 103 -12.21 17.08 -31.89
C ILE B 103 -13.18 18.08 -31.28
N ASP B 104 -13.97 18.78 -32.11
CA ASP B 104 -14.96 19.71 -31.63
C ASP B 104 -16.18 19.02 -31.01
N GLN B 105 -16.17 17.69 -30.93
CA GLN B 105 -17.21 16.96 -30.21
C GLN B 105 -16.85 16.70 -28.76
N VAL B 106 -15.61 16.96 -28.36
CA VAL B 106 -15.15 16.77 -26.99
C VAL B 106 -15.28 18.09 -26.26
N ASN B 107 -15.76 18.06 -25.02
CA ASN B 107 -15.90 19.29 -24.25
C ASN B 107 -14.62 19.59 -23.47
N LEU B 108 -14.58 20.79 -22.88
CA LEU B 108 -13.36 21.25 -22.21
C LEU B 108 -13.06 20.41 -20.97
N LEU B 109 -14.10 19.99 -20.24
CA LEU B 109 -13.87 19.17 -19.06
C LEU B 109 -13.28 17.82 -19.43
N GLN B 110 -13.77 17.21 -20.52
CA GLN B 110 -13.23 15.93 -20.97
C GLN B 110 -11.77 16.07 -21.42
N LEU B 111 -11.41 17.20 -22.02
CA LEU B 111 -10.02 17.43 -22.38
C LEU B 111 -9.14 17.58 -21.14
N ALA B 112 -9.62 18.32 -20.14
CA ALA B 112 -8.82 18.55 -18.95
C ALA B 112 -8.69 17.29 -18.10
N THR B 113 -9.65 16.38 -18.19
CA THR B 113 -9.65 15.15 -17.39
C THR B 113 -9.34 13.91 -18.22
N TYR B 114 -8.80 14.09 -19.43
CA TYR B 114 -8.18 13.01 -20.21
C TYR B 114 -9.19 11.95 -20.67
N THR B 115 -10.40 12.38 -21.05
CA THR B 115 -11.43 11.44 -21.47
C THR B 115 -11.90 11.67 -22.91
N SER B 116 -10.99 12.12 -23.79
CA SER B 116 -11.37 12.31 -25.18
C SER B 116 -11.59 10.99 -25.90
N GLY B 117 -10.89 9.94 -25.47
CA GLY B 117 -11.02 8.62 -26.07
C GLY B 117 -9.96 8.28 -27.08
N ASN B 118 -9.12 9.25 -27.48
CA ASN B 118 -8.06 8.98 -28.44
C ASN B 118 -6.95 10.02 -28.36
N LEU B 119 -6.34 10.16 -27.20
CA LEU B 119 -5.19 11.06 -27.03
C LEU B 119 -4.17 10.37 -26.14
N ALA B 120 -2.95 10.21 -26.66
CA ALA B 120 -1.90 9.47 -25.99
C ALA B 120 -1.16 10.37 -25.00
N LEU B 121 -0.14 9.78 -24.35
CA LEU B 121 0.59 10.51 -23.31
C LEU B 121 1.28 11.75 -23.86
N GLN B 122 1.83 11.66 -25.06
CA GLN B 122 2.58 12.76 -25.67
C GLN B 122 2.08 13.02 -27.08
N PHE B 123 2.34 14.24 -27.55
CA PHE B 123 2.21 14.52 -28.97
C PHE B 123 3.20 13.65 -29.74
N PRO B 124 2.95 13.41 -31.03
CA PRO B 124 3.96 12.76 -31.87
C PRO B 124 5.24 13.58 -31.91
N ASP B 125 6.36 12.90 -32.14
CA ASP B 125 7.65 13.57 -32.15
C ASP B 125 7.71 14.64 -33.23
N GLU B 126 7.11 14.39 -34.39
CA GLU B 126 7.20 15.33 -35.51
C GLU B 126 6.31 16.56 -35.34
N VAL B 127 5.48 16.60 -34.30
CA VAL B 127 4.62 17.75 -34.03
C VAL B 127 5.42 18.73 -33.19
N LYS B 128 5.79 19.87 -33.76
CA LYS B 128 6.63 20.84 -33.08
C LYS B 128 6.05 22.25 -33.13
N THR B 129 5.76 22.75 -34.33
CA THR B 129 5.33 24.13 -34.49
C THR B 129 3.83 24.27 -34.21
N ASP B 130 3.37 25.51 -34.20
CA ASP B 130 1.96 25.80 -33.92
C ASP B 130 1.05 25.22 -35.01
N GLN B 131 1.47 25.32 -36.27
CA GLN B 131 0.64 24.81 -37.35
C GLN B 131 0.58 23.29 -37.35
N GLN B 132 1.65 22.63 -36.89
CA GLN B 132 1.61 21.17 -36.75
C GLN B 132 0.69 20.75 -35.62
N VAL B 133 0.65 21.53 -34.54
CA VAL B 133 -0.30 21.27 -33.46
C VAL B 133 -1.74 21.44 -33.95
N LEU B 134 -1.99 22.50 -34.71
CA LEU B 134 -3.32 22.71 -35.27
C LEU B 134 -3.69 21.60 -36.24
N THR B 135 -2.75 21.19 -37.09
CA THR B 135 -3.01 20.10 -38.03
C THR B 135 -3.27 18.80 -37.29
N PHE B 136 -2.59 18.57 -36.16
CA PHE B 136 -2.80 17.36 -35.38
C PHE B 136 -4.24 17.26 -34.89
N PHE B 137 -4.77 18.36 -34.34
CA PHE B 137 -6.14 18.32 -33.83
C PHE B 137 -7.17 18.34 -34.96
N LYS B 138 -6.83 18.96 -36.10
CA LYS B 138 -7.72 18.90 -37.25
C LYS B 138 -7.81 17.47 -37.79
N ASP B 139 -6.70 16.75 -37.80
CA ASP B 139 -6.66 15.36 -38.26
C ASP B 139 -7.13 14.38 -37.20
N TRP B 140 -7.49 14.85 -36.01
CA TRP B 140 -7.90 13.95 -34.94
C TRP B 140 -9.24 13.31 -35.27
N LYS B 141 -9.36 12.02 -34.95
CA LYS B 141 -10.59 11.28 -35.12
C LYS B 141 -10.81 10.44 -33.87
N PRO B 142 -12.06 10.23 -33.48
CA PRO B 142 -12.34 9.49 -32.25
C PRO B 142 -12.00 8.00 -32.39
N LYS B 143 -11.76 7.38 -31.24
CA LYS B 143 -11.51 5.94 -31.17
C LYS B 143 -12.46 5.33 -30.15
N ASN B 144 -12.12 5.45 -28.87
CA ASN B 144 -13.03 5.04 -27.81
C ASN B 144 -14.17 6.04 -27.70
N SER B 145 -15.25 5.63 -27.05
CA SER B 145 -16.39 6.50 -26.84
C SER B 145 -15.97 7.72 -26.03
N ILE B 146 -16.37 8.90 -26.49
CA ILE B 146 -15.94 10.15 -25.86
C ILE B 146 -16.50 10.25 -24.44
N GLY B 147 -15.62 10.51 -23.49
CA GLY B 147 -16.02 10.75 -22.11
C GLY B 147 -16.11 9.52 -21.24
N GLU B 148 -15.75 8.34 -21.74
CA GLU B 148 -15.90 7.11 -20.98
C GLU B 148 -14.59 6.51 -20.48
N TYR B 149 -13.46 6.81 -21.12
CA TYR B 149 -12.18 6.20 -20.79
C TYR B 149 -11.16 7.28 -20.46
N ARG B 150 -10.45 7.10 -19.35
CA ARG B 150 -9.41 8.02 -18.92
C ARG B 150 -8.06 7.51 -19.40
N GLN B 151 -7.36 8.33 -20.18
CA GLN B 151 -6.00 8.04 -20.61
CA GLN B 151 -6.00 8.04 -20.62
C GLN B 151 -5.17 9.28 -20.37
N TYR B 152 -4.28 9.23 -19.38
CA TYR B 152 -3.44 10.37 -19.02
C TYR B 152 -2.70 10.87 -20.25
N SER B 153 -2.85 12.16 -20.54
CA SER B 153 -2.44 12.69 -21.84
C SER B 153 -1.98 14.14 -21.70
N ASN B 154 -0.78 14.42 -22.20
CA ASN B 154 -0.33 15.81 -22.30
C ASN B 154 -1.14 16.61 -23.33
N PRO B 155 -1.30 16.16 -24.58
CA PRO B 155 -2.06 16.98 -25.54
C PRO B 155 -3.50 17.25 -25.14
N SER B 156 -4.11 16.37 -24.33
CA SER B 156 -5.49 16.59 -23.91
C SER B 156 -5.60 17.83 -23.05
N ILE B 157 -4.83 17.88 -21.95
CA ILE B 157 -4.87 19.07 -21.10
C ILE B 157 -4.13 20.24 -21.73
N GLY B 158 -3.18 19.97 -22.63
CA GLY B 158 -2.53 21.06 -23.35
C GLY B 158 -3.50 21.84 -24.22
N LEU B 159 -4.39 21.13 -24.90
CA LEU B 159 -5.44 21.81 -25.67
C LEU B 159 -6.38 22.57 -24.75
N PHE B 160 -6.68 22.02 -23.57
CA PHE B 160 -7.51 22.71 -22.59
C PHE B 160 -6.87 24.04 -22.18
N GLY B 161 -5.57 24.01 -21.85
CA GLY B 161 -4.88 25.24 -21.50
C GLY B 161 -4.81 26.22 -22.65
N LYS B 162 -4.61 25.70 -23.87
CA LYS B 162 -4.63 26.55 -25.06
C LYS B 162 -5.98 27.24 -25.20
N VAL B 163 -7.07 26.52 -24.95
CA VAL B 163 -8.41 27.11 -25.07
C VAL B 163 -8.65 28.13 -23.95
N VAL B 164 -8.19 27.81 -22.74
CA VAL B 164 -8.35 28.75 -21.62
C VAL B 164 -7.61 30.05 -21.92
N ALA B 165 -6.43 29.96 -22.53
CA ALA B 165 -5.69 31.17 -22.89
C ALA B 165 -6.42 31.97 -23.94
N LEU B 166 -7.01 31.30 -24.93
CA LEU B 166 -7.75 32.01 -25.98
C LEU B 166 -8.95 32.75 -25.42
N SER B 167 -9.64 32.13 -24.45
CA SER B 167 -10.83 32.78 -23.87
C SER B 167 -10.44 34.00 -23.04
N MET B 168 -9.22 34.03 -22.52
CA MET B 168 -8.71 35.18 -21.76
C MET B 168 -7.98 36.18 -22.64
N ASN B 169 -7.90 35.93 -23.95
CA ASN B 169 -7.30 36.87 -24.91
C ASN B 169 -5.84 37.15 -24.61
N LYS B 170 -5.13 36.17 -24.06
CA LYS B 170 -3.71 36.30 -23.76
C LYS B 170 -3.05 34.95 -23.99
N PRO B 171 -1.77 34.94 -24.39
CA PRO B 171 -1.04 33.66 -24.48
C PRO B 171 -0.97 32.98 -23.13
N PHE B 172 -0.80 31.66 -23.15
CA PHE B 172 -0.86 30.90 -21.91
C PHE B 172 0.24 31.30 -20.94
N ASP B 173 1.44 31.60 -21.45
CA ASP B 173 2.53 32.03 -20.57
C ASP B 173 2.19 33.32 -19.85
N GLN B 174 1.43 34.20 -20.50
CA GLN B 174 0.99 35.43 -19.85
C GLN B 174 -0.19 35.18 -18.90
N VAL B 175 -0.97 34.14 -19.15
CA VAL B 175 -2.05 33.79 -18.23
C VAL B 175 -1.48 33.45 -16.86
N LEU B 176 -0.39 32.70 -16.82
CA LEU B 176 0.21 32.32 -15.53
C LEU B 176 1.05 33.45 -14.96
N GLU B 177 1.97 34.01 -15.78
CA GLU B 177 2.94 34.96 -15.24
C GLU B 177 2.32 36.30 -14.90
N LYS B 178 1.22 36.68 -15.56
CA LYS B 178 0.61 37.97 -15.33
C LYS B 178 -0.70 37.91 -14.55
N THR B 179 -1.36 36.76 -14.49
CA THR B 179 -2.63 36.64 -13.79
C THR B 179 -2.59 35.61 -12.67
N ILE B 180 -2.22 34.35 -12.97
CA ILE B 180 -2.36 33.29 -11.99
C ILE B 180 -1.26 33.37 -10.94
N PHE B 181 0.00 33.49 -11.36
CA PHE B 181 1.10 33.58 -10.40
C PHE B 181 0.97 34.77 -9.45
N PRO B 182 0.71 36.00 -9.91
CA PRO B 182 0.54 37.11 -8.94
C PRO B 182 -0.64 36.93 -8.02
N ALA B 183 -1.75 36.35 -8.51
CA ALA B 183 -2.91 36.17 -7.65
C ALA B 183 -2.66 35.13 -6.56
N LEU B 184 -1.78 34.17 -6.81
CA LEU B 184 -1.44 33.16 -5.82
C LEU B 184 -0.28 33.58 -4.93
N GLY B 185 0.23 34.80 -5.10
CA GLY B 185 1.35 35.26 -4.31
C GLY B 185 2.69 34.67 -4.68
N LEU B 186 2.81 34.08 -5.86
CA LEU B 186 4.07 33.47 -6.29
C LEU B 186 4.87 34.49 -7.07
N LYS B 187 6.09 34.78 -6.61
N LYS B 187 6.08 34.79 -6.60
CA LYS B 187 6.95 35.76 -7.24
CA LYS B 187 6.95 35.76 -7.26
C LYS B 187 8.24 35.16 -7.80
C LYS B 187 8.24 35.16 -7.82
N HIS B 188 8.43 33.84 -7.71
CA HIS B 188 9.60 33.18 -8.24
C HIS B 188 9.22 31.93 -9.05
N SER B 189 8.05 31.96 -9.67
CA SER B 189 7.57 30.90 -10.54
C SER B 189 7.48 31.44 -11.97
N TYR B 190 7.90 30.63 -12.93
CA TYR B 190 8.03 31.10 -14.31
C TYR B 190 7.62 30.00 -15.28
N VAL B 191 7.05 30.43 -16.41
CA VAL B 191 7.02 29.58 -17.59
C VAL B 191 8.32 29.69 -18.35
N ASN B 192 8.84 30.92 -18.50
CA ASN B 192 10.14 31.17 -19.09
C ASN B 192 10.99 31.89 -18.06
N VAL B 193 12.10 31.27 -17.67
CA VAL B 193 13.01 31.86 -16.68
C VAL B 193 13.84 32.95 -17.34
N PRO B 194 13.82 34.17 -16.80
CA PRO B 194 14.57 35.27 -17.43
C PRO B 194 16.07 35.08 -17.22
N LYS B 195 16.84 35.90 -17.95
CA LYS B 195 18.29 35.83 -17.85
C LYS B 195 18.77 36.16 -16.43
N THR B 196 18.12 37.15 -15.80
CA THR B 196 18.52 37.57 -14.46
C THR B 196 18.27 36.51 -13.39
N GLN B 197 17.58 35.42 -13.73
CA GLN B 197 17.33 34.33 -12.80
C GLN B 197 17.98 33.02 -13.21
N MET B 198 18.75 32.99 -14.31
CA MET B 198 19.35 31.75 -14.76
C MET B 198 20.38 31.21 -13.76
N GLN B 199 21.01 32.09 -12.98
CA GLN B 199 21.94 31.64 -11.96
C GLN B 199 21.25 30.85 -10.86
N ASN B 200 19.93 31.01 -10.71
CA ASN B 200 19.15 30.24 -9.76
C ASN B 200 18.48 29.03 -10.39
N TYR B 201 18.41 28.96 -11.72
CA TYR B 201 17.85 27.81 -12.41
C TYR B 201 18.79 26.64 -12.26
N ALA B 202 18.36 25.63 -11.52
CA ALA B 202 19.19 24.45 -11.30
C ALA B 202 19.36 23.67 -12.61
N PHE B 203 20.47 22.95 -12.70
CA PHE B 203 20.63 21.94 -13.73
C PHE B 203 19.83 20.70 -13.35
N GLY B 204 19.15 20.12 -14.34
CA GLY B 204 18.63 18.78 -14.18
C GLY B 204 19.67 17.75 -14.56
N TYR B 205 19.46 16.51 -14.09
CA TYR B 205 20.44 15.45 -14.32
C TYR B 205 19.72 14.20 -14.78
N ASN B 206 20.20 13.63 -15.89
CA ASN B 206 19.53 12.50 -16.52
C ASN B 206 19.96 11.18 -15.85
N GLN B 207 19.63 10.07 -16.50
CA GLN B 207 19.96 8.76 -15.97
C GLN B 207 21.47 8.57 -15.82
N GLU B 208 22.25 9.27 -16.62
CA GLU B 208 23.71 9.20 -16.56
C GLU B 208 24.31 10.34 -15.74
N ASN B 209 23.49 11.06 -14.98
CA ASN B 209 23.94 12.18 -14.14
C ASN B 209 24.63 13.28 -14.95
N GLN B 210 24.15 13.51 -16.17
CA GLN B 210 24.63 14.58 -17.04
C GLN B 210 23.69 15.77 -16.96
N PRO B 211 24.23 16.98 -16.85
CA PRO B 211 23.38 18.16 -16.67
C PRO B 211 22.54 18.45 -17.90
N ILE B 212 21.24 18.65 -17.69
CA ILE B 212 20.29 18.92 -18.77
C ILE B 212 19.21 19.86 -18.24
N ARG B 213 18.46 20.44 -19.18
CA ARG B 213 17.25 21.18 -18.84
C ARG B 213 16.16 20.82 -19.85
N VAL B 214 14.92 21.15 -19.50
CA VAL B 214 13.79 20.77 -20.33
C VAL B 214 13.89 21.43 -21.70
N ASN B 215 13.50 20.68 -22.74
CA ASN B 215 13.54 21.15 -24.11
C ASN B 215 12.16 21.64 -24.54
N PRO B 216 12.12 22.59 -25.48
CA PRO B 216 10.82 23.08 -25.96
C PRO B 216 10.01 21.97 -26.62
N GLY B 217 8.70 22.03 -26.45
CA GLY B 217 7.81 21.05 -27.01
C GLY B 217 6.45 21.64 -27.32
N PRO B 218 5.62 20.90 -28.07
CA PRO B 218 4.29 21.40 -28.44
C PRO B 218 3.41 21.56 -27.21
N LEU B 219 2.94 22.79 -26.98
CA LEU B 219 2.09 23.11 -25.83
C LEU B 219 2.74 22.70 -24.51
N ASP B 220 4.06 22.87 -24.45
CA ASP B 220 4.80 22.45 -23.26
C ASP B 220 4.39 23.23 -22.03
N ALA B 221 4.03 24.51 -22.18
CA ALA B 221 3.72 25.35 -21.02
C ALA B 221 2.55 24.81 -20.19
N PRO B 222 1.37 24.55 -20.76
CA PRO B 222 0.27 24.02 -19.93
C PRO B 222 0.43 22.57 -19.53
N GLU B 223 1.37 21.85 -20.14
CA GLU B 223 1.59 20.43 -19.85
C GLU B 223 2.66 20.19 -18.80
N TYR B 224 3.83 20.83 -18.94
CA TYR B 224 4.94 20.55 -18.04
C TYR B 224 5.97 21.67 -18.04
N GLY B 225 5.54 22.90 -18.28
CA GLY B 225 6.48 23.97 -18.55
C GLY B 225 6.63 25.03 -17.46
N VAL B 226 6.26 24.72 -16.22
CA VAL B 226 6.36 25.67 -15.12
C VAL B 226 7.57 25.32 -14.27
N LYS B 227 8.32 26.35 -13.87
CA LYS B 227 9.46 26.21 -12.97
C LYS B 227 9.23 27.09 -11.75
N SER B 228 9.67 26.62 -10.58
CA SER B 228 9.37 27.33 -9.35
C SER B 228 10.39 26.95 -8.29
N THR B 229 10.32 27.65 -7.15
CA THR B 229 11.16 27.41 -5.99
C THR B 229 10.34 26.74 -4.90
N LEU B 230 11.06 26.24 -3.88
CA LEU B 230 10.37 25.64 -2.74
C LEU B 230 9.48 26.61 -1.99
N PRO B 231 9.92 27.83 -1.64
CA PRO B 231 9.00 28.76 -0.96
C PRO B 231 7.74 29.07 -1.76
N ASP B 232 7.85 29.19 -3.08
CA ASP B 232 6.67 29.44 -3.89
C ASP B 232 5.73 28.24 -3.88
N MET B 233 6.27 27.02 -3.98
CA MET B 233 5.43 25.84 -3.96
C MET B 233 4.77 25.65 -2.59
N LEU B 234 5.42 26.07 -1.51
CA LEU B 234 4.77 26.04 -0.21
C LEU B 234 3.64 27.07 -0.15
N SER B 235 3.83 28.23 -0.78
CA SER B 235 2.74 29.20 -0.89
C SER B 235 1.61 28.66 -1.74
N PHE B 236 1.92 27.88 -2.77
CA PHE B 236 0.87 27.27 -3.59
C PHE B 236 0.08 26.24 -2.79
N ILE B 237 0.77 25.45 -1.96
CA ILE B 237 0.08 24.52 -1.09
C ILE B 237 -0.77 25.26 -0.06
N HIS B 238 -0.25 26.38 0.46
CA HIS B 238 -1.04 27.19 1.38
C HIS B 238 -2.29 27.73 0.71
N ALA B 239 -2.18 28.11 -0.56
CA ALA B 239 -3.35 28.60 -1.29
C ALA B 239 -4.41 27.51 -1.42
N ASN B 240 -3.99 26.26 -1.68
CA ASN B 240 -4.94 25.16 -1.76
C ASN B 240 -5.49 24.79 -0.40
N LEU B 241 -4.68 24.93 0.65
CA LEU B 241 -5.14 24.65 2.01
C LEU B 241 -6.08 25.71 2.55
N ASN B 242 -6.01 26.93 2.04
CA ASN B 242 -6.83 28.04 2.54
C ASN B 242 -7.35 28.86 1.37
N PRO B 243 -8.31 28.33 0.60
CA PRO B 243 -8.88 29.11 -0.51
C PRO B 243 -9.64 30.33 -0.05
N GLN B 244 -10.15 30.34 1.18
CA GLN B 244 -10.93 31.45 1.69
C GLN B 244 -10.10 32.70 1.94
N LYS B 245 -8.77 32.62 1.82
CA LYS B 245 -7.89 33.76 2.03
C LYS B 245 -7.57 34.51 0.74
N TYR B 246 -8.34 34.27 -0.31
CA TYR B 246 -8.06 34.81 -1.63
C TYR B 246 -9.32 35.44 -2.20
N PRO B 247 -9.18 36.33 -3.19
CA PRO B 247 -10.38 36.94 -3.80
C PRO B 247 -11.34 35.91 -4.35
N ALA B 248 -12.57 36.37 -4.60
CA ALA B 248 -13.67 35.46 -4.91
C ALA B 248 -13.35 34.61 -6.15
N ASP B 249 -12.88 35.24 -7.22
CA ASP B 249 -12.64 34.50 -8.45
C ASP B 249 -11.44 33.57 -8.35
N ILE B 250 -10.45 33.92 -7.53
CA ILE B 250 -9.32 33.02 -7.30
C ILE B 250 -9.70 31.92 -6.33
N GLN B 251 -10.49 32.25 -5.30
CA GLN B 251 -11.00 31.23 -4.39
C GLN B 251 -11.84 30.20 -5.13
N ARG B 252 -12.73 30.66 -6.01
N ARG B 252 -12.73 30.66 -6.00
CA ARG B 252 -13.54 29.73 -6.78
CA ARG B 252 -13.54 29.73 -6.78
C ARG B 252 -12.71 28.94 -7.78
C ARG B 252 -12.70 28.93 -7.77
N ALA B 253 -11.62 29.54 -8.28
CA ALA B 253 -10.74 28.80 -9.19
C ALA B 253 -10.05 27.65 -8.49
N ILE B 254 -9.54 27.90 -7.28
CA ILE B 254 -8.92 26.83 -6.50
C ILE B 254 -9.94 25.76 -6.15
N ASN B 255 -11.17 26.16 -5.81
CA ASN B 255 -12.20 25.19 -5.48
C ASN B 255 -12.54 24.31 -6.68
N GLU B 256 -12.53 24.88 -7.89
CA GLU B 256 -12.78 24.08 -9.09
C GLU B 256 -11.76 22.96 -9.22
N THR B 257 -10.49 23.24 -8.91
CA THR B 257 -9.46 22.21 -9.00
C THR B 257 -9.59 21.15 -7.92
N HIS B 258 -10.39 21.39 -6.89
CA HIS B 258 -10.61 20.43 -5.82
C HIS B 258 -11.84 19.56 -6.03
N GLN B 259 -12.73 19.94 -6.95
CA GLN B 259 -13.96 19.21 -7.18
C GLN B 259 -13.68 17.95 -8.01
N GLY B 260 -13.88 16.79 -7.41
CA GLY B 260 -13.74 15.56 -8.15
C GLY B 260 -14.80 15.45 -9.24
N ARG B 261 -14.40 14.90 -10.38
CA ARG B 261 -15.27 14.77 -11.54
C ARG B 261 -15.72 13.35 -11.81
N TYR B 262 -14.83 12.37 -11.64
CA TYR B 262 -15.18 10.96 -11.77
C TYR B 262 -14.20 10.15 -10.95
N GLN B 263 -14.42 8.84 -10.92
CA GLN B 263 -13.56 7.92 -10.18
C GLN B 263 -12.99 6.86 -11.12
N VAL B 264 -11.77 6.44 -10.81
CA VAL B 264 -11.18 5.22 -11.36
C VAL B 264 -10.70 4.43 -10.16
N ASN B 265 -11.50 3.47 -9.71
CA ASN B 265 -11.24 2.70 -8.49
C ASN B 265 -11.20 3.67 -7.31
N THR B 266 -10.12 3.75 -6.55
CA THR B 266 -10.05 4.60 -5.37
C THR B 266 -9.56 6.01 -5.67
N MET B 267 -9.23 6.32 -6.92
CA MET B 267 -8.73 7.63 -7.28
C MET B 267 -9.88 8.50 -7.79
N TYR B 268 -9.97 9.71 -7.26
CA TYR B 268 -10.92 10.71 -7.75
C TYR B 268 -10.16 11.70 -8.61
N GLN B 269 -10.57 11.82 -9.88
CA GLN B 269 -9.92 12.74 -10.80
C GLN B 269 -10.58 14.10 -10.67
N ALA B 270 -9.88 15.04 -10.04
CA ALA B 270 -10.31 16.42 -10.01
C ALA B 270 -9.68 17.16 -11.20
N LEU B 271 -9.71 18.49 -11.17
N LEU B 271 -9.70 18.49 -11.17
CA LEU B 271 -9.07 19.29 -12.21
CA LEU B 271 -9.09 19.28 -12.23
C LEU B 271 -7.59 19.38 -11.89
C LEU B 271 -7.60 19.39 -11.91
N GLY B 272 -6.78 18.62 -12.62
CA GLY B 272 -5.35 18.59 -12.38
C GLY B 272 -4.99 17.72 -11.19
N TRP B 273 -5.51 18.07 -10.01
CA TRP B 273 -5.23 17.31 -8.80
C TRP B 273 -5.84 15.91 -8.89
N GLU B 274 -5.20 14.97 -8.20
CA GLU B 274 -5.77 13.65 -7.94
C GLU B 274 -6.24 13.61 -6.49
N GLU B 275 -7.47 13.16 -6.29
CA GLU B 275 -8.16 13.28 -5.01
C GLU B 275 -8.41 11.89 -4.43
N PHE B 276 -8.30 11.77 -3.11
CA PHE B 276 -8.48 10.50 -2.43
C PHE B 276 -9.17 10.73 -1.09
N SER B 277 -9.85 9.69 -0.62
CA SER B 277 -10.44 9.74 0.72
C SER B 277 -9.34 9.64 1.77
N TYR B 278 -9.46 10.47 2.80
CA TYR B 278 -8.48 10.48 3.88
C TYR B 278 -9.10 9.94 5.17
N PRO B 279 -8.39 9.08 5.91
CA PRO B 279 -7.04 8.55 5.64
C PRO B 279 -6.99 7.62 4.43
N ALA B 280 -5.94 7.75 3.63
CA ALA B 280 -5.73 6.90 2.47
C ALA B 280 -4.62 5.91 2.75
N THR B 281 -4.82 4.66 2.35
CA THR B 281 -3.77 3.67 2.47
C THR B 281 -2.63 3.99 1.50
N LEU B 282 -1.44 3.50 1.82
CA LEU B 282 -0.30 3.71 0.94
C LEU B 282 -0.55 3.12 -0.44
N GLN B 283 -1.19 1.95 -0.50
CA GLN B 283 -1.45 1.32 -1.79
C GLN B 283 -2.42 2.13 -2.64
N THR B 284 -3.38 2.80 -2.01
CA THR B 284 -4.28 3.68 -2.76
C THR B 284 -3.49 4.77 -3.48
N LEU B 285 -2.58 5.44 -2.77
CA LEU B 285 -1.76 6.47 -3.39
C LEU B 285 -0.81 5.87 -4.44
N LEU B 286 -0.26 4.68 -4.15
CA LEU B 286 0.61 4.04 -5.11
C LEU B 286 -0.13 3.59 -6.36
N ASP B 287 -1.40 3.19 -6.22
CA ASP B 287 -2.18 2.77 -7.38
C ASP B 287 -2.37 3.91 -8.38
N SER B 288 -2.43 5.15 -7.89
CA SER B 288 -2.63 6.29 -8.79
C SER B 288 -1.47 6.47 -9.76
N ASN B 289 -0.28 5.97 -9.43
CA ASN B 289 0.88 6.06 -10.30
C ASN B 289 1.29 4.72 -10.88
N SER B 290 0.41 3.72 -10.80
CA SER B 290 0.71 2.42 -11.40
C SER B 290 0.67 2.51 -12.92
N GLU B 291 1.28 1.53 -13.57
CA GLU B 291 1.27 1.49 -15.03
C GLU B 291 -0.14 1.38 -15.57
N GLN B 292 -1.02 0.65 -14.87
CA GLN B 292 -2.39 0.49 -15.32
C GLN B 292 -3.13 1.83 -15.37
N ILE B 293 -2.92 2.68 -14.37
CA ILE B 293 -3.64 3.95 -14.30
C ILE B 293 -2.97 5.01 -15.18
N VAL B 294 -1.63 5.03 -15.21
CA VAL B 294 -0.92 6.11 -15.88
C VAL B 294 -0.84 5.89 -17.38
N MET B 295 -0.55 4.66 -17.81
CA MET B 295 -0.22 4.40 -19.21
C MET B 295 -1.32 3.68 -19.99
N LYS B 296 -2.40 3.26 -19.35
CA LYS B 296 -3.42 2.52 -20.06
C LYS B 296 -4.79 3.19 -19.91
N PRO B 297 -5.70 2.97 -20.86
CA PRO B 297 -7.04 3.54 -20.71
C PRO B 297 -7.87 2.75 -19.72
N ASN B 298 -8.63 3.47 -18.91
CA ASN B 298 -9.48 2.87 -17.89
C ASN B 298 -10.86 3.51 -17.96
N LYS B 299 -11.91 2.69 -17.91
N LYS B 299 -11.90 2.67 -17.89
CA LYS B 299 -13.25 3.23 -17.91
CA LYS B 299 -13.27 3.15 -17.82
C LYS B 299 -13.52 3.98 -16.60
C LYS B 299 -13.47 3.99 -16.57
N VAL B 300 -14.21 5.09 -16.71
CA VAL B 300 -14.48 5.97 -15.58
C VAL B 300 -15.87 5.68 -15.04
N THR B 301 -16.04 5.92 -13.75
CA THR B 301 -17.33 5.79 -13.08
C THR B 301 -17.65 7.08 -12.36
N ALA B 302 -18.94 7.35 -12.20
CA ALA B 302 -19.35 8.53 -11.46
C ALA B 302 -18.93 8.40 -9.99
N ILE B 303 -18.78 9.55 -9.35
CA ILE B 303 -18.46 9.57 -7.93
C ILE B 303 -19.64 9.04 -7.14
N SER B 304 -19.40 8.01 -6.32
CA SER B 304 -20.42 7.50 -5.42
C SER B 304 -20.24 8.10 -4.04
N LYS B 305 -19.14 7.75 -3.37
CA LYS B 305 -18.81 8.35 -2.09
C LYS B 305 -18.13 9.68 -2.32
N GLU B 306 -18.83 10.77 -2.04
CA GLU B 306 -18.20 12.09 -2.04
C GLU B 306 -17.44 12.23 -0.73
N PRO B 307 -16.10 12.20 -0.75
CA PRO B 307 -15.33 12.13 0.49
C PRO B 307 -15.31 13.48 1.19
N SER B 308 -15.79 13.50 2.43
CA SER B 308 -15.74 14.72 3.22
C SER B 308 -14.32 15.01 3.71
N VAL B 309 -13.68 14.02 4.31
CA VAL B 309 -12.27 14.11 4.67
C VAL B 309 -11.46 13.51 3.53
N LYS B 310 -10.56 14.31 2.97
CA LYS B 310 -9.92 13.94 1.71
C LYS B 310 -8.49 14.47 1.67
N MET B 311 -7.75 14.03 0.66
CA MET B 311 -6.40 14.51 0.40
C MET B 311 -6.19 14.57 -1.10
N TYR B 312 -5.19 15.35 -1.51
CA TYR B 312 -4.86 15.53 -2.92
C TYR B 312 -3.36 15.39 -3.11
N HIS B 313 -2.96 14.89 -4.27
CA HIS B 313 -1.55 14.84 -4.62
C HIS B 313 -1.38 14.94 -6.13
N LYS B 314 -0.13 15.09 -6.55
CA LYS B 314 0.22 15.08 -7.97
C LYS B 314 1.72 14.88 -8.08
N THR B 315 2.12 13.92 -8.92
CA THR B 315 3.51 13.72 -9.27
C THR B 315 3.81 14.45 -10.57
N GLY B 316 5.06 14.88 -10.71
CA GLY B 316 5.49 15.56 -11.92
C GLY B 316 6.94 15.29 -12.19
N SER B 317 7.29 15.21 -13.48
CA SER B 317 8.66 14.91 -13.87
C SER B 317 8.95 15.51 -15.24
N THR B 318 10.19 15.98 -15.40
CA THR B 318 10.82 16.18 -16.68
C THR B 318 11.96 15.18 -16.81
N THR B 319 12.72 15.26 -17.90
CA THR B 319 13.81 14.31 -18.10
C THR B 319 14.84 14.38 -16.96
N GLY B 320 15.00 15.54 -16.35
CA GLY B 320 15.99 15.69 -15.31
C GLY B 320 15.50 16.28 -14.00
N PHE B 321 14.19 16.19 -13.74
CA PHE B 321 13.63 16.72 -12.50
C PHE B 321 12.49 15.84 -12.01
N GLY B 322 12.32 15.82 -10.70
CA GLY B 322 11.20 15.12 -10.08
C GLY B 322 10.50 16.00 -9.08
N THR B 323 9.18 15.87 -9.02
CA THR B 323 8.35 16.71 -8.16
C THR B 323 7.21 15.88 -7.59
N TYR B 324 6.85 16.20 -6.34
CA TYR B 324 5.67 15.62 -5.71
C TYR B 324 5.07 16.66 -4.77
N VAL B 325 3.77 16.87 -4.88
CA VAL B 325 3.03 17.78 -4.01
C VAL B 325 1.83 17.04 -3.45
N VAL B 326 1.49 17.34 -2.19
CA VAL B 326 0.39 16.66 -1.51
C VAL B 326 -0.07 17.55 -0.37
N PHE B 327 -1.39 17.60 -0.16
CA PHE B 327 -1.93 18.37 0.95
C PHE B 327 -3.19 17.69 1.48
N ILE B 328 -3.42 17.85 2.77
CA ILE B 328 -4.58 17.28 3.46
C ILE B 328 -5.32 18.42 4.15
N PRO B 329 -6.48 18.85 3.63
CA PRO B 329 -7.12 20.06 4.19
C PRO B 329 -7.50 19.94 5.66
N LYS B 330 -8.20 18.87 6.04
CA LYS B 330 -8.67 18.76 7.42
C LYS B 330 -7.52 18.57 8.42
N GLU B 331 -6.32 18.20 7.95
CA GLU B 331 -5.14 18.14 8.79
C GLU B 331 -4.30 19.41 8.72
N ASN B 332 -4.69 20.36 7.86
CA ASN B 332 -3.96 21.63 7.72
CA ASN B 332 -3.96 21.63 7.71
C ASN B 332 -2.47 21.40 7.46
N ILE B 333 -2.16 20.40 6.64
CA ILE B 333 -0.78 20.01 6.39
C ILE B 333 -0.57 19.75 4.91
N GLY B 334 0.67 19.97 4.47
CA GLY B 334 1.04 19.72 3.08
C GLY B 334 2.54 19.52 2.97
N LEU B 335 2.95 18.94 1.84
CA LEU B 335 4.35 18.63 1.61
C LEU B 335 4.69 18.83 0.14
N VAL B 336 5.90 19.32 -0.12
CA VAL B 336 6.42 19.50 -1.47
C VAL B 336 7.80 18.86 -1.53
N MET B 337 8.06 18.10 -2.60
CA MET B 337 9.37 17.54 -2.86
C MET B 337 9.83 17.99 -4.24
N LEU B 338 11.06 18.49 -4.32
CA LEU B 338 11.67 18.93 -5.56
C LEU B 338 13.06 18.35 -5.66
N THR B 339 13.36 17.65 -6.76
CA THR B 339 14.66 17.05 -6.99
C THR B 339 15.13 17.39 -8.40
N ASN B 340 16.44 17.59 -8.54
CA ASN B 340 17.05 17.79 -9.86
C ASN B 340 17.50 16.48 -10.50
N LYS B 341 16.78 15.40 -10.26
CA LYS B 341 16.95 14.14 -10.97
C LYS B 341 15.72 13.29 -10.70
N ARG B 342 15.25 12.57 -11.72
CA ARG B 342 14.08 11.73 -11.58
C ARG B 342 14.33 10.60 -10.58
N ILE B 343 13.37 10.39 -9.69
CA ILE B 343 13.33 9.19 -8.85
C ILE B 343 11.98 8.54 -9.04
N PRO B 344 11.87 7.24 -8.79
CA PRO B 344 10.59 6.55 -8.98
C PRO B 344 9.46 7.22 -8.19
N ASN B 345 8.30 7.34 -8.85
CA ASN B 345 7.15 7.99 -8.22
C ASN B 345 6.74 7.31 -6.93
N GLU B 346 6.88 5.98 -6.86
CA GLU B 346 6.53 5.27 -5.63
C GLU B 346 7.41 5.71 -4.48
N GLU B 347 8.69 6.00 -4.74
CA GLU B 347 9.58 6.47 -3.68
C GLU B 347 9.17 7.85 -3.18
N ARG B 348 8.74 8.73 -4.08
CA ARG B 348 8.26 10.04 -3.66
C ARG B 348 7.01 9.89 -2.80
N ILE B 349 6.06 9.06 -3.24
CA ILE B 349 4.82 8.87 -2.50
C ILE B 349 5.09 8.21 -1.15
N LYS B 350 5.97 7.19 -1.14
CA LYS B 350 6.23 6.46 0.10
C LYS B 350 6.90 7.35 1.13
N ALA B 351 7.86 8.17 0.72
CA ALA B 351 8.58 9.02 1.67
C ALA B 351 7.67 10.09 2.26
N ALA B 352 6.86 10.74 1.41
CA ALA B 352 5.93 11.75 1.92
C ALA B 352 4.87 11.12 2.81
N TYR B 353 4.47 9.88 2.51
CA TYR B 353 3.49 9.19 3.33
C TYR B 353 4.02 8.95 4.74
N ALA B 354 5.28 8.52 4.85
CA ALA B 354 5.87 8.28 6.17
C ALA B 354 6.03 9.57 6.95
N VAL B 355 6.41 10.65 6.28
CA VAL B 355 6.63 11.92 6.97
C VAL B 355 5.32 12.51 7.47
N LEU B 356 4.33 12.62 6.58
CA LEU B 356 3.07 13.26 6.94
C LEU B 356 2.34 12.50 8.05
N ASN B 357 2.45 11.18 8.07
CA ASN B 357 1.79 10.39 9.11
C ASN B 357 2.54 10.39 10.42
N ALA B 358 3.83 10.70 10.41
CA ALA B 358 4.62 10.69 11.64
C ALA B 358 4.72 12.05 12.31
N ILE B 359 4.41 13.14 11.59
CA ILE B 359 4.45 14.46 12.20
C ILE B 359 3.37 14.55 13.28
N LYS B 360 3.77 14.94 14.48
CA LYS B 360 2.83 15.03 15.59
C LYS B 360 1.89 16.20 15.39
N LYS B 361 0.63 16.02 15.78
CA LYS B 361 -0.39 17.04 15.58
C LYS B 361 -0.71 17.76 16.88
N1 YDB C . 1.31 -3.84 8.35
C1 YDB C . 0.36 -4.70 9.04
N2 YDB C . -0.83 -5.01 8.56
N3 YDB C . -1.61 -5.87 9.38
C2 YDB C . -0.97 -6.20 10.54
S1 YDB C . -1.67 -7.27 11.84
C3 YDB C . -0.70 -8.80 11.94
C4 YDB C . -0.92 -9.46 13.29
O1 YDB C . -0.29 -9.12 14.23
N4 YDB C . -1.91 -10.53 13.44
C5 YDB C . -2.12 -11.16 14.73
C6 YDB C . -2.98 -10.27 15.62
N5 YDB C . -4.02 -9.60 14.84
C7 YDB C . -3.93 -8.33 14.28
C8 YDB C . -5.12 -8.08 13.61
C9 YDB C . -5.46 -6.81 12.85
O2 YDB C . -6.40 -6.82 12.00
O3 YDB C . -4.82 -5.75 13.05
N6 YDB C . -5.94 -9.18 13.77
N7 YDB C . -5.25 -10.12 14.54
B1 YDB C . -2.83 -12.55 14.51
O5 YDB C . -3.72 -12.48 13.50
O6 YDB C . -3.44 -12.94 15.63
S2 YDB C . 0.65 -5.43 10.60
P PO4 D . -12.35 -10.40 15.85
O1 PO4 D . -12.75 -11.52 16.80
O2 PO4 D . -12.55 -10.88 14.42
O3 PO4 D . -13.21 -9.20 16.10
O4 PO4 D . -10.91 -10.05 16.06
N GLY E . 7.61 4.53 -9.56
CA GLY E . 7.81 4.23 -10.97
C GLY E . 7.86 5.48 -11.85
O GLY E . 8.40 6.51 -11.47
OXT GLY E . 7.36 5.46 -12.98
N1 YDB F . 13.08 17.59 -22.35
C1 YDB F . 11.84 17.11 -21.76
N2 YDB F . 11.68 16.88 -20.48
N3 YDB F . 10.41 16.42 -20.10
C2 YDB F . 9.55 16.29 -21.15
S1 YDB F . 7.83 15.72 -21.03
C3 YDB F . 7.43 15.59 -19.27
C4 YDB F . 6.09 14.90 -19.08
O1 YDB F . 5.36 14.72 -20.00
N4 YDB F . 5.71 14.45 -17.74
C5 YDB F . 4.44 13.79 -17.50
C6 YDB F . 4.55 12.28 -17.75
N5 YDB F . 5.76 11.71 -17.16
C7 YDB F . 5.81 10.85 -16.06
C8 YDB F . 7.14 10.53 -15.83
C9 YDB F . 7.66 9.61 -14.72
O2 YDB F . 6.88 8.83 -14.13
O3 YDB F . 8.88 9.66 -14.41
N6 YDB F . 7.91 11.17 -16.78
N7 YDB F . 7.05 11.90 -17.61
B1 YDB F . 3.99 14.09 -16.02
O5 YDB F . 5.07 14.20 -15.24
O6 YDB F . 3.20 13.10 -15.57
S2 YDB F . 10.38 16.77 -22.68
P PO4 G . 1.60 32.62 1.56
O1 PO4 G . 1.80 31.30 2.27
O2 PO4 G . 1.03 33.63 2.53
O3 PO4 G . 0.63 32.42 0.41
O4 PO4 G . 2.92 33.11 1.02
#